data_3WD9
#
_entry.id   3WD9
#
_cell.length_a   81.305
_cell.length_b   157.376
_cell.length_c   58.050
_cell.angle_alpha   90.000
_cell.angle_beta   90.000
_cell.angle_gamma   90.000
#
_symmetry.space_group_name_H-M   'P 21 21 2'
#
loop_
_entity.id
_entity.type
_entity.pdbx_description
1 polymer "cAMP-specific 3',5'-cyclic phosphodiesterase 4B"
2 non-polymer 4-[(4-{2-[(2,2-dimethylpropyl)amino]-2-oxoethyl}phenyl)amino]-2-phenylpyrimidine-5-carboxamide
3 non-polymer 'ZINC ION'
4 non-polymer 'CALCIUM ION'
5 water water
#
_entity_poly.entity_id   1
_entity_poly.type   'polypeptide(L)'
_entity_poly.pdbx_seq_one_letter_code
;SISRFGVNTENEDHLAKELEDLNKWGLNIFNVAGYSHNRPLTCIMYAIFQERDLLKTFRISSDTFITYMMTLEDHYHSDV
AYHNSLHAADVAQSTHVLLSTPALDAVFTDLEILAAIFAAAIHDVDHPGVSNQFLINTNSELALMYNDESVLENHHLAVG
FKLLQEEHCDIFMNLTKKQRQTLRKMVIDMVLATDMSKHMSLLADLKTMVETKKVTSSGVLLLDNYTDRIQVLRNMVHCA
DLSNPTKSLELYRQWTDRIMEEFFQQGDKERERGMEISPMCDKHTASVEKSQVGFIDYIVHPLWETWADLVQPDAQDILD
TLEDNRNWYQSMIPQSPSPPLDEQNRDCQGLMEKFQFELTLDEEDSEGPEKEGEGHS
;
_entity_poly.pdbx_strand_id   A,B
#
loop_
_chem_comp.id
_chem_comp.type
_chem_comp.name
_chem_comp.formula
CA non-polymer 'CALCIUM ION' 'Ca 2'
QPC non-polymer 4-[(4-{2-[(2,2-dimethylpropyl)amino]-2-oxoethyl}phenyl)amino]-2-phenylpyrimidine-5-carboxamide 'C24 H27 N5 O2'
ZN non-polymer 'ZINC ION' 'Zn 2'
#
# COMPACT_ATOMS: atom_id res chain seq x y z
N SER A 3 -12.46 18.44 -15.64
CA SER A 3 -11.09 18.08 -16.13
C SER A 3 -10.78 16.62 -15.84
N ARG A 4 -9.50 16.28 -15.96
CA ARG A 4 -9.05 14.90 -15.82
C ARG A 4 -8.58 14.63 -14.40
N PHE A 5 -8.05 15.68 -13.75
CA PHE A 5 -7.66 15.62 -12.34
C PHE A 5 -8.87 15.81 -11.43
N GLY A 6 -10.05 16.00 -12.04
CA GLY A 6 -11.31 16.17 -11.31
C GLY A 6 -11.35 17.38 -10.41
N VAL A 7 -10.22 18.10 -10.38
CA VAL A 7 -9.98 19.27 -9.53
C VAL A 7 -11.10 20.28 -9.66
N ASN A 8 -11.52 20.84 -8.52
CA ASN A 8 -12.67 21.73 -8.48
C ASN A 8 -12.43 23.09 -9.11
N THR A 9 -13.44 23.54 -9.84
CA THR A 9 -13.51 24.90 -10.36
C THR A 9 -13.31 25.86 -9.20
N GLU A 10 -13.51 25.32 -7.99
CA GLU A 10 -13.42 26.08 -6.77
C GLU A 10 -11.99 26.60 -6.57
N ASN A 11 -11.02 25.69 -6.49
CA ASN A 11 -9.63 26.07 -6.26
C ASN A 11 -8.70 25.92 -7.48
N GLU A 12 -9.28 26.02 -8.67
CA GLU A 12 -8.49 26.01 -9.91
C GLU A 12 -7.62 27.26 -10.09
N ASP A 13 -8.12 28.41 -9.64
CA ASP A 13 -7.31 29.64 -9.58
C ASP A 13 -6.17 29.47 -8.57
N HIS A 14 -6.45 28.77 -7.47
CA HIS A 14 -5.47 28.56 -6.41
C HIS A 14 -4.30 27.78 -6.92
N LEU A 15 -4.59 26.60 -7.44
CA LEU A 15 -3.58 25.74 -8.04
C LEU A 15 -2.75 26.45 -9.12
N ALA A 16 -3.43 27.19 -9.99
CA ALA A 16 -2.78 28.01 -11.04
C ALA A 16 -1.84 29.07 -10.49
N LYS A 17 -2.21 29.66 -9.36
CA LYS A 17 -1.42 30.73 -8.77
C LYS A 17 -0.24 30.18 -7.99
N GLU A 18 -0.42 28.99 -7.41
CA GLU A 18 0.66 28.31 -6.71
C GLU A 18 1.71 27.78 -7.71
N LEU A 19 1.23 27.34 -8.86
CA LEU A 19 2.09 26.83 -9.90
C LEU A 19 2.88 27.91 -10.63
N GLU A 20 2.66 29.17 -10.30
CA GLU A 20 3.44 30.25 -10.92
C GLU A 20 4.90 30.15 -10.48
N ASP A 21 5.12 29.60 -9.28
CA ASP A 21 6.46 29.36 -8.72
C ASP A 21 6.95 27.94 -9.06
N LEU A 22 6.34 27.32 -10.06
CA LEU A 22 6.77 26.02 -10.53
C LEU A 22 8.28 25.96 -10.79
N ASN A 23 8.84 27.04 -11.32
CA ASN A 23 10.27 27.07 -11.63
C ASN A 23 11.14 27.49 -10.47
N LYS A 24 10.57 27.54 -9.28
CA LYS A 24 11.30 28.08 -8.13
C LYS A 24 11.44 27.07 -7.03
N TRP A 25 12.56 27.21 -6.33
CA TRP A 25 12.91 26.39 -5.18
C TRP A 25 11.95 26.53 -4.03
N GLY A 26 11.32 27.69 -3.92
CA GLY A 26 10.33 27.95 -2.88
C GLY A 26 8.88 27.68 -3.27
N LEU A 27 8.66 26.94 -4.35
CA LEU A 27 7.34 26.36 -4.58
C LEU A 27 6.90 25.57 -3.34
N ASN A 28 5.60 25.58 -3.08
CA ASN A 28 5.07 24.85 -1.95
C ASN A 28 4.32 23.62 -2.43
N ILE A 29 5.01 22.47 -2.44
CA ILE A 29 4.36 21.26 -2.89
C ILE A 29 3.13 20.87 -2.03
N PHE A 30 3.03 21.38 -0.81
CA PHE A 30 1.98 20.97 0.12
C PHE A 30 0.65 21.55 -0.26
N ASN A 31 0.64 22.82 -0.63
CA ASN A 31 -0.57 23.45 -1.17
C ASN A 31 -0.99 22.76 -2.48
N VAL A 32 -0.01 22.48 -3.33
CA VAL A 32 -0.28 21.86 -4.62
C VAL A 32 -1.06 20.55 -4.43
N ALA A 33 -0.64 19.75 -3.44
CA ALA A 33 -1.36 18.52 -3.15
C ALA A 33 -2.81 18.81 -2.70
N GLY A 34 -2.98 19.88 -1.91
CA GLY A 34 -4.30 20.32 -1.46
C GLY A 34 -5.28 20.56 -2.60
N TYR A 35 -4.82 21.28 -3.60
CA TYR A 35 -5.68 21.65 -4.68
C TYR A 35 -5.86 20.56 -5.72
N SER A 36 -5.04 19.52 -5.67
CA SER A 36 -5.09 18.49 -6.69
C SER A 36 -5.89 17.29 -6.21
N HIS A 37 -6.40 17.36 -4.99
CA HIS A 37 -7.06 16.22 -4.35
C HIS A 37 -6.07 15.12 -4.16
N ASN A 38 -4.94 15.46 -3.57
CA ASN A 38 -3.88 14.51 -3.32
C ASN A 38 -3.37 13.79 -4.58
N ARG A 39 -3.25 14.53 -5.67
CA ARG A 39 -2.51 14.07 -6.82
C ARG A 39 -1.37 15.04 -7.16
N PRO A 40 -0.49 15.30 -6.19
CA PRO A 40 0.66 16.20 -6.41
C PRO A 40 1.67 15.67 -7.42
N LEU A 41 2.05 14.39 -7.32
CA LEU A 41 3.01 13.82 -8.24
C LEU A 41 2.53 14.00 -9.69
N THR A 42 1.33 13.51 -10.01
CA THR A 42 0.78 13.69 -11.34
C THR A 42 0.67 15.16 -11.76
N CYS A 43 0.11 16.01 -10.90
CA CYS A 43 -0.16 17.41 -11.23
C CYS A 43 1.13 18.17 -11.50
N ILE A 44 2.14 17.96 -10.65
CA ILE A 44 3.44 18.58 -10.81
C ILE A 44 4.21 18.07 -12.02
N MET A 45 4.18 16.77 -12.24
CA MET A 45 4.86 16.19 -13.39
C MET A 45 4.27 16.75 -14.69
N TYR A 46 2.93 16.75 -14.79
CA TYR A 46 2.27 17.32 -15.93
C TYR A 46 2.69 18.80 -16.16
N ALA A 47 2.66 19.55 -15.07
CA ALA A 47 3.12 20.94 -15.05
C ALA A 47 4.56 21.02 -15.58
N ILE A 48 5.43 20.20 -15.02
CA ILE A 48 6.82 20.21 -15.42
C ILE A 48 7.00 19.91 -16.91
N PHE A 49 6.24 18.96 -17.41
CA PHE A 49 6.44 18.48 -18.76
C PHE A 49 5.95 19.47 -19.81
N GLN A 50 4.88 20.20 -19.48
CA GLN A 50 4.40 21.31 -20.32
C GLN A 50 5.38 22.46 -20.37
N GLU A 51 5.94 22.81 -19.22
CA GLU A 51 6.78 23.96 -19.11
C GLU A 51 8.08 23.72 -19.88
N ARG A 52 8.46 22.45 -20.05
CA ARG A 52 9.73 22.08 -20.73
C ARG A 52 9.41 21.49 -22.08
N ASP A 53 8.11 21.38 -22.34
CA ASP A 53 7.59 20.97 -23.63
C ASP A 53 7.98 19.52 -23.99
N LEU A 54 8.21 18.70 -22.97
CA LEU A 54 8.64 17.32 -23.14
C LEU A 54 7.59 16.42 -23.83
N LEU A 55 6.32 16.73 -23.62
CA LEU A 55 5.26 15.98 -24.25
C LEU A 55 5.36 16.07 -25.75
N LYS A 56 5.62 17.28 -26.23
CA LYS A 56 5.62 17.54 -27.66
C LYS A 56 6.90 16.98 -28.28
N THR A 57 8.02 17.25 -27.62
CA THR A 57 9.34 16.85 -28.10
C THR A 57 9.39 15.32 -28.32
N PHE A 58 8.89 14.55 -27.35
CA PHE A 58 8.90 13.08 -27.42
C PHE A 58 7.55 12.45 -27.81
N ARG A 59 6.60 13.26 -28.29
CA ARG A 59 5.31 12.77 -28.80
C ARG A 59 4.64 11.84 -27.80
N ILE A 60 4.58 12.33 -26.58
CA ILE A 60 3.96 11.60 -25.48
C ILE A 60 2.64 12.31 -25.37
N SER A 61 1.57 11.62 -25.76
CA SER A 61 0.31 12.31 -25.75
C SER A 61 -0.07 12.69 -24.29
N SER A 62 -0.93 13.70 -24.13
CA SER A 62 -1.45 13.99 -22.78
C SER A 62 -2.05 12.77 -22.10
N ASP A 63 -2.90 12.07 -22.83
CA ASP A 63 -3.61 10.96 -22.26
C ASP A 63 -2.66 9.86 -21.77
N THR A 64 -1.64 9.56 -22.58
CA THR A 64 -0.63 8.57 -22.21
C THR A 64 0.06 8.98 -20.92
N PHE A 65 0.54 10.21 -20.90
CA PHE A 65 1.28 10.73 -19.75
C PHE A 65 0.48 10.62 -18.47
N ILE A 66 -0.76 11.05 -18.53
CA ILE A 66 -1.61 11.18 -17.35
C ILE A 66 -2.00 9.78 -16.87
N THR A 67 -2.26 8.86 -17.81
CA THR A 67 -2.66 7.51 -17.46
C THR A 67 -1.50 6.80 -16.75
N TYR A 68 -0.31 7.00 -17.25
CA TYR A 68 0.87 6.44 -16.65
C TYR A 68 1.14 7.04 -15.27
N MET A 69 1.19 8.37 -15.22
CA MET A 69 1.48 9.10 -14.00
C MET A 69 0.46 8.81 -12.91
N MET A 70 -0.81 8.77 -13.28
CA MET A 70 -1.84 8.36 -12.31
C MET A 70 -1.55 6.97 -11.78
N THR A 71 -1.17 6.07 -12.64
CA THR A 71 -0.98 4.72 -12.24
C THR A 71 0.19 4.72 -11.25
N LEU A 72 1.28 5.34 -11.66
CA LEU A 72 2.49 5.39 -10.86
C LEU A 72 2.24 6.02 -9.51
N GLU A 73 1.45 7.09 -9.48
CA GLU A 73 1.17 7.72 -8.21
C GLU A 73 0.39 6.76 -7.29
N ASP A 74 -0.51 5.96 -7.86
CA ASP A 74 -1.26 4.98 -7.07
C ASP A 74 -0.38 3.88 -6.45
N HIS A 75 0.80 3.69 -7.02
CA HIS A 75 1.70 2.66 -6.52
C HIS A 75 2.58 3.16 -5.41
N TYR A 76 2.36 4.41 -5.00
CA TYR A 76 2.97 4.99 -3.81
C TYR A 76 1.89 4.87 -2.71
N HIS A 77 2.27 4.58 -1.48
CA HIS A 77 1.34 4.38 -0.37
C HIS A 77 1.11 5.62 0.37
N SER A 78 -0.10 6.14 0.27
CA SER A 78 -0.43 7.41 0.88
C SER A 78 -0.38 7.30 2.40
N ASP A 79 -0.51 6.08 2.94
CA ASP A 79 -0.52 5.82 4.39
C ASP A 79 0.89 5.82 5.01
N VAL A 80 1.94 5.65 4.20
CA VAL A 80 3.33 5.80 4.66
C VAL A 80 3.57 7.30 4.86
N ALA A 81 4.09 7.69 6.03
CA ALA A 81 4.12 9.12 6.42
C ALA A 81 4.92 10.05 5.49
N TYR A 82 6.14 9.65 5.13
CA TYR A 82 7.02 10.54 4.37
C TYR A 82 7.15 10.10 2.91
N HIS A 83 7.39 8.80 2.72
CA HIS A 83 7.68 8.22 1.40
C HIS A 83 6.45 7.89 0.64
N ASN A 84 5.64 8.89 0.36
CA ASN A 84 4.44 8.74 -0.46
C ASN A 84 4.65 9.58 -1.74
N SER A 85 3.56 9.88 -2.45
CA SER A 85 3.67 10.60 -3.71
C SER A 85 4.07 12.06 -3.55
N LEU A 86 3.76 12.65 -2.39
CA LEU A 86 4.15 14.04 -2.12
C LEU A 86 5.69 14.24 -2.16
N HIS A 87 6.42 13.31 -1.54
CA HIS A 87 7.88 13.30 -1.55
C HIS A 87 8.40 13.15 -2.94
N ALA A 88 7.82 12.21 -3.69
CA ALA A 88 8.19 11.96 -5.08
C ALA A 88 7.95 13.23 -5.87
N ALA A 89 6.81 13.86 -5.60
CA ALA A 89 6.46 15.06 -6.32
C ALA A 89 7.49 16.15 -6.03
N ASP A 90 7.92 16.22 -4.78
CA ASP A 90 8.86 17.26 -4.33
C ASP A 90 10.25 17.06 -4.92
N VAL A 91 10.65 15.80 -5.10
CA VAL A 91 11.95 15.51 -5.64
C VAL A 91 11.96 15.85 -7.13
N ALA A 92 10.89 15.51 -7.83
CA ALA A 92 10.81 15.86 -9.27
C ALA A 92 10.87 17.37 -9.51
N GLN A 93 10.13 18.12 -8.69
CA GLN A 93 10.08 19.58 -8.80
C GLN A 93 11.41 20.19 -8.44
N SER A 94 12.03 19.66 -7.39
CA SER A 94 13.36 20.07 -7.01
C SER A 94 14.37 19.76 -8.11
N THR A 95 14.19 18.63 -8.79
CA THR A 95 15.09 18.27 -9.90
C THR A 95 14.87 19.22 -11.08
N HIS A 96 13.60 19.51 -11.36
CA HIS A 96 13.22 20.51 -12.36
C HIS A 96 13.91 21.85 -12.15
N VAL A 97 14.06 22.26 -10.90
CA VAL A 97 14.71 23.54 -10.61
C VAL A 97 16.21 23.42 -10.84
N LEU A 98 16.83 22.40 -10.27
CA LEU A 98 18.27 22.20 -10.40
C LEU A 98 18.71 22.14 -11.85
N LEU A 99 17.89 21.53 -12.71
CA LEU A 99 18.24 21.32 -14.13
C LEU A 99 18.36 22.64 -14.90
N SER A 100 17.83 23.70 -14.32
CA SER A 100 17.76 24.96 -15.01
C SER A 100 18.61 26.07 -14.44
N THR A 101 19.49 25.75 -13.49
CA THR A 101 20.37 26.78 -12.97
C THR A 101 21.28 27.15 -14.11
N PRO A 102 21.79 28.40 -14.11
CA PRO A 102 22.53 28.93 -15.25
C PRO A 102 23.72 28.07 -15.67
N ALA A 103 24.50 27.57 -14.70
CA ALA A 103 25.61 26.69 -15.03
C ALA A 103 25.19 25.43 -15.80
N LEU A 104 23.94 25.04 -15.66
CA LEU A 104 23.55 23.70 -16.04
C LEU A 104 22.60 23.66 -17.20
N ASP A 105 21.88 24.75 -17.42
CA ASP A 105 20.71 24.74 -18.26
C ASP A 105 20.90 24.40 -19.73
N ALA A 106 22.00 24.83 -20.31
CA ALA A 106 22.23 24.57 -21.71
C ALA A 106 22.90 23.21 -21.92
N VAL A 107 23.31 22.59 -20.81
CA VAL A 107 24.17 21.42 -20.86
C VAL A 107 23.44 20.19 -21.33
N PHE A 108 22.37 19.84 -20.63
CA PHE A 108 21.67 18.54 -20.85
C PHE A 108 20.76 18.48 -22.08
N THR A 109 20.83 17.35 -22.79
CA THR A 109 19.92 17.06 -23.89
C THR A 109 18.51 16.85 -23.39
N ASP A 110 17.53 17.04 -24.26
CA ASP A 110 16.14 16.79 -23.91
C ASP A 110 15.99 15.38 -23.30
N LEU A 111 16.71 14.40 -23.85
CA LEU A 111 16.57 13.02 -23.43
C LEU A 111 17.07 12.84 -21.99
N GLU A 112 18.22 13.43 -21.73
CA GLU A 112 18.82 13.48 -20.41
C GLU A 112 17.90 14.19 -19.38
N ILE A 113 17.27 15.27 -19.84
CA ILE A 113 16.37 16.01 -18.98
C ILE A 113 15.18 15.12 -18.65
N LEU A 114 14.71 14.41 -19.66
CA LEU A 114 13.59 13.48 -19.51
C LEU A 114 13.88 12.38 -18.53
N ALA A 115 15.10 11.83 -18.59
CA ALA A 115 15.43 10.72 -17.71
C ALA A 115 15.54 11.18 -16.26
N ALA A 116 16.03 12.41 -16.05
CA ALA A 116 16.33 12.89 -14.70
C ALA A 116 15.06 13.14 -13.97
N ILE A 117 14.13 13.76 -14.68
CA ILE A 117 12.84 14.09 -14.10
C ILE A 117 11.99 12.85 -13.90
N PHE A 118 12.14 11.88 -14.79
CA PHE A 118 11.42 10.63 -14.68
C PHE A 118 12.01 9.79 -13.54
N ALA A 119 13.34 9.68 -13.49
CA ALA A 119 13.97 8.97 -12.41
C ALA A 119 13.49 9.56 -11.11
N ALA A 120 13.43 10.88 -11.03
CA ALA A 120 12.91 11.57 -9.82
C ALA A 120 11.50 11.09 -9.46
N ALA A 121 10.57 11.23 -10.41
CA ALA A 121 9.17 10.77 -10.22
C ALA A 121 9.06 9.34 -9.66
N ILE A 122 9.83 8.39 -10.22
CA ILE A 122 9.73 6.97 -9.82
C ILE A 122 10.62 6.47 -8.69
N HIS A 123 11.63 7.25 -8.28
CA HIS A 123 12.69 6.74 -7.36
C HIS A 123 12.27 6.14 -6.02
N ASP A 124 11.04 6.40 -5.58
CA ASP A 124 10.51 5.78 -4.35
C ASP A 124 9.17 5.00 -4.50
N VAL A 125 8.76 4.69 -5.72
CA VAL A 125 7.46 4.06 -5.95
C VAL A 125 7.33 2.72 -5.19
N ASP A 126 6.18 2.53 -4.52
CA ASP A 126 5.89 1.27 -3.81
C ASP A 126 6.80 1.08 -2.58
N HIS A 127 7.24 2.19 -1.98
CA HIS A 127 8.01 2.17 -0.73
C HIS A 127 7.20 1.74 0.47
N PRO A 128 7.61 0.66 1.13
CA PRO A 128 6.83 0.06 2.21
C PRO A 128 6.83 0.87 3.52
N GLY A 129 7.67 1.88 3.64
CA GLY A 129 7.77 2.62 4.90
C GLY A 129 9.01 2.24 5.72
N VAL A 130 9.76 1.25 5.25
CA VAL A 130 10.91 0.78 5.99
C VAL A 130 12.21 0.78 5.19
N SER A 131 13.35 0.75 5.89
CA SER A 131 14.65 0.85 5.27
C SER A 131 15.05 -0.44 4.57
N ASN A 132 16.14 -0.37 3.81
CA ASN A 132 16.69 -1.54 3.18
C ASN A 132 17.01 -2.60 4.22
N GLN A 133 17.58 -2.15 5.35
CA GLN A 133 18.11 -3.03 6.36
C GLN A 133 17.00 -3.82 7.07
N PHE A 134 15.91 -3.10 7.41
CA PHE A 134 14.72 -3.75 7.91
C PHE A 134 14.26 -4.91 7.03
N LEU A 135 14.26 -4.69 5.71
CA LEU A 135 13.85 -5.73 4.77
C LEU A 135 14.80 -6.91 4.79
N ILE A 136 16.09 -6.59 4.93
CA ILE A 136 17.11 -7.60 4.95
C ILE A 136 16.93 -8.47 6.19
N ASN A 137 16.74 -7.82 7.33
CA ASN A 137 16.68 -8.49 8.63
C ASN A 137 15.42 -9.35 8.78
N THR A 138 14.38 -9.05 8.01
CA THR A 138 13.15 -9.79 8.04
C THR A 138 13.14 -10.82 6.93
N ASN A 139 14.19 -10.82 6.10
CA ASN A 139 14.28 -11.74 4.97
C ASN A 139 13.06 -11.64 4.08
N SER A 140 12.59 -10.42 3.87
CA SER A 140 11.49 -10.17 2.94
C SER A 140 11.85 -10.68 1.53
N GLU A 141 10.84 -10.88 0.70
CA GLU A 141 11.02 -11.41 -0.64
C GLU A 141 11.88 -10.48 -1.50
N LEU A 142 11.80 -9.19 -1.22
CA LEU A 142 12.58 -8.20 -1.94
C LEU A 142 14.07 -8.33 -1.64
N ALA A 143 14.40 -8.37 -0.35
CA ALA A 143 15.78 -8.59 0.06
C ALA A 143 16.39 -9.82 -0.64
N LEU A 144 15.61 -10.88 -0.77
CA LEU A 144 16.08 -12.10 -1.40
C LEU A 144 16.16 -11.93 -2.90
N MET A 145 15.17 -11.28 -3.49
CA MET A 145 15.14 -11.05 -4.93
C MET A 145 16.37 -10.25 -5.36
N TYR A 146 16.79 -9.27 -4.58
CA TYR A 146 17.97 -8.40 -4.94
C TYR A 146 19.21 -8.62 -4.10
N ASN A 147 19.32 -9.78 -3.47
CA ASN A 147 20.52 -10.20 -2.75
C ASN A 147 21.01 -9.21 -1.72
N ASP A 148 20.08 -8.47 -1.12
CA ASP A 148 20.42 -7.56 -0.03
C ASP A 148 21.23 -6.31 -0.46
N GLU A 149 21.24 -6.02 -1.75
CA GLU A 149 21.98 -4.86 -2.21
C GLU A 149 21.06 -3.90 -2.97
N SER A 150 21.02 -2.65 -2.50
CA SER A 150 20.11 -1.62 -3.05
C SER A 150 18.70 -2.20 -3.23
N VAL A 151 18.20 -2.84 -2.17
CA VAL A 151 17.03 -3.67 -2.28
C VAL A 151 15.84 -2.91 -2.82
N LEU A 152 15.46 -1.85 -2.11
CA LEU A 152 14.35 -1.01 -2.53
C LEU A 152 14.62 -0.24 -3.82
N GLU A 153 15.86 0.21 -4.01
CA GLU A 153 16.15 1.04 -5.17
C GLU A 153 15.99 0.19 -6.43
N ASN A 154 16.37 -1.09 -6.31
CA ASN A 154 16.11 -2.04 -7.37
C ASN A 154 14.62 -2.27 -7.58
N HIS A 155 13.86 -2.22 -6.51
CA HIS A 155 12.40 -2.30 -6.59
C HIS A 155 11.75 -1.11 -7.27
N HIS A 156 12.09 0.08 -6.82
CA HIS A 156 11.55 1.29 -7.42
C HIS A 156 11.73 1.33 -8.93
N LEU A 157 12.91 0.95 -9.41
CA LEU A 157 13.13 0.90 -10.86
C LEU A 157 12.26 -0.11 -11.57
N ALA A 158 12.15 -1.30 -10.99
CA ALA A 158 11.47 -2.40 -11.64
C ALA A 158 10.00 -2.02 -11.79
N VAL A 159 9.43 -1.54 -10.70
CA VAL A 159 8.08 -1.06 -10.66
C VAL A 159 7.81 0.12 -11.60
N GLY A 160 8.71 1.10 -11.58
CA GLY A 160 8.58 2.25 -12.48
C GLY A 160 8.54 1.85 -13.95
N PHE A 161 9.44 0.97 -14.38
CA PHE A 161 9.40 0.48 -15.77
C PHE A 161 8.29 -0.51 -16.09
N LYS A 162 8.01 -1.43 -15.17
CA LYS A 162 6.90 -2.38 -15.33
C LYS A 162 5.58 -1.72 -15.72
N LEU A 163 5.19 -0.66 -15.01
CA LEU A 163 3.94 0.08 -15.23
C LEU A 163 3.84 0.68 -16.60
N LEU A 164 4.96 0.86 -17.28
CA LEU A 164 4.94 1.36 -18.63
C LEU A 164 4.12 0.45 -19.56
N GLN A 165 3.89 -0.80 -19.15
CA GLN A 165 3.22 -1.82 -19.96
C GLN A 165 1.70 -1.92 -19.78
N GLU A 166 1.19 -1.15 -18.82
CA GLU A 166 -0.22 -1.16 -18.58
C GLU A 166 -0.84 -0.40 -19.72
N GLU A 167 -2.16 -0.41 -19.77
CA GLU A 167 -2.91 0.02 -20.92
C GLU A 167 -2.67 1.50 -21.15
N HIS A 168 -2.21 1.82 -22.36
CA HIS A 168 -1.88 3.21 -22.74
C HIS A 168 -1.01 3.88 -21.70
N CYS A 169 -0.02 3.17 -21.15
CA CYS A 169 0.89 3.78 -20.19
C CYS A 169 2.31 3.97 -20.71
N ASP A 170 2.61 3.50 -21.92
CA ASP A 170 3.98 3.59 -22.40
C ASP A 170 4.37 5.02 -22.83
N ILE A 171 4.91 5.80 -21.90
CA ILE A 171 5.26 7.16 -22.25
C ILE A 171 6.52 7.22 -23.13
N PHE A 172 7.28 6.13 -23.18
CA PHE A 172 8.50 6.08 -24.02
C PHE A 172 8.26 5.28 -25.31
N MET A 173 7.02 5.21 -25.77
CA MET A 173 6.67 4.38 -26.91
C MET A 173 7.20 4.98 -28.25
N ASN A 174 7.30 6.29 -28.31
CA ASN A 174 7.73 6.95 -29.52
C ASN A 174 9.21 7.40 -29.47
N LEU A 175 10.01 6.86 -28.56
CA LEU A 175 11.47 7.05 -28.65
C LEU A 175 12.07 5.98 -29.53
N THR A 176 13.16 6.30 -30.23
CA THR A 176 13.90 5.27 -30.98
C THR A 176 14.41 4.17 -30.03
N LYS A 177 14.89 3.04 -30.56
CA LYS A 177 15.49 2.01 -29.72
C LYS A 177 16.69 2.54 -28.92
N LYS A 178 17.48 3.42 -29.53
CA LYS A 178 18.69 3.97 -28.91
C LYS A 178 18.43 4.96 -27.79
N GLN A 179 17.35 5.71 -27.94
CA GLN A 179 16.94 6.65 -26.90
C GLN A 179 16.41 5.91 -25.71
N ARG A 180 15.65 4.85 -25.98
CA ARG A 180 15.08 4.08 -24.87
C ARG A 180 16.15 3.36 -24.02
N GLN A 181 17.26 2.98 -24.64
CA GLN A 181 18.30 2.32 -23.89
C GLN A 181 19.25 3.31 -23.21
N THR A 182 19.45 4.46 -23.84
CA THR A 182 20.17 5.56 -23.20
C THR A 182 19.43 6.11 -21.98
N LEU A 183 18.14 6.40 -22.17
CA LEU A 183 17.28 6.82 -21.07
C LEU A 183 17.28 5.79 -19.93
N ARG A 184 17.19 4.52 -20.29
CA ARG A 184 17.10 3.43 -19.31
C ARG A 184 18.37 3.25 -18.48
N LYS A 185 19.53 3.41 -19.12
CA LYS A 185 20.78 3.25 -18.42
C LYS A 185 20.93 4.39 -17.44
N MET A 186 20.41 5.54 -17.82
CA MET A 186 20.55 6.75 -17.06
C MET A 186 19.61 6.71 -15.88
N VAL A 187 18.38 6.30 -16.13
CA VAL A 187 17.41 6.20 -15.07
C VAL A 187 17.88 5.22 -14.01
N ILE A 188 18.29 4.03 -14.44
CA ILE A 188 18.91 3.03 -13.57
C ILE A 188 20.01 3.63 -12.70
N ASP A 189 21.02 4.26 -13.32
CA ASP A 189 22.07 5.01 -12.62
C ASP A 189 21.58 5.99 -11.57
N MET A 190 20.69 6.88 -11.96
CA MET A 190 20.13 7.82 -11.00
C MET A 190 19.34 7.22 -9.83
N VAL A 191 18.61 6.13 -10.04
CA VAL A 191 17.84 5.61 -8.89
C VAL A 191 18.70 4.83 -7.90
N LEU A 192 19.57 3.98 -8.44
CA LEU A 192 20.54 3.29 -7.61
C LEU A 192 21.40 4.29 -6.85
N ALA A 193 21.67 5.45 -7.47
CA ALA A 193 22.43 6.55 -6.82
C ALA A 193 21.76 7.04 -5.54
N THR A 194 20.42 6.88 -5.43
CA THR A 194 19.71 7.33 -4.22
C THR A 194 19.88 6.44 -2.97
N ASP A 195 20.51 5.28 -3.15
CA ASP A 195 20.85 4.39 -2.04
C ASP A 195 21.86 5.11 -1.13
N MET A 196 21.49 5.33 0.12
CA MET A 196 22.34 6.13 1.04
C MET A 196 23.67 5.50 1.37
N SER A 197 23.78 4.19 1.25
CA SER A 197 25.06 3.57 1.46
C SER A 197 26.03 3.89 0.30
N LYS A 198 25.58 4.69 -0.66
CA LYS A 198 26.41 5.10 -1.77
C LYS A 198 26.77 6.58 -1.69
N HIS A 199 26.20 7.27 -0.70
CA HIS A 199 26.45 8.69 -0.52
C HIS A 199 27.89 9.11 -0.54
N MET A 200 28.74 8.45 0.28
CA MET A 200 30.15 8.87 0.42
C MET A 200 30.91 8.74 -0.87
N SER A 201 30.64 7.69 -1.64
CA SER A 201 31.33 7.48 -2.92
C SER A 201 30.71 8.40 -3.98
N LEU A 202 29.43 8.72 -3.83
CA LEU A 202 28.80 9.77 -4.65
C LEU A 202 29.51 11.11 -4.50
N LEU A 203 29.77 11.49 -3.27
CA LEU A 203 30.31 12.81 -2.94
C LEU A 203 31.77 12.92 -3.36
N ALA A 204 32.49 11.81 -3.21
CA ALA A 204 33.90 11.72 -3.49
C ALA A 204 34.10 12.07 -4.95
N ASP A 205 33.21 11.56 -5.79
CA ASP A 205 33.28 11.71 -7.23
C ASP A 205 32.86 13.11 -7.64
N LEU A 206 31.87 13.65 -6.92
CA LEU A 206 31.43 15.01 -7.16
C LEU A 206 32.52 16.04 -6.88
N LYS A 207 33.21 15.88 -5.74
CA LYS A 207 34.38 16.70 -5.39
C LYS A 207 35.37 16.76 -6.55
N THR A 208 35.53 15.62 -7.22
CA THR A 208 36.39 15.51 -8.39
C THR A 208 35.87 16.28 -9.60
N MET A 209 34.61 16.07 -9.94
CA MET A 209 33.99 16.88 -10.96
C MET A 209 34.33 18.36 -10.74
N VAL A 210 34.17 18.83 -9.50
CA VAL A 210 34.45 20.21 -9.14
C VAL A 210 35.93 20.59 -9.35
N GLU A 211 36.84 19.69 -8.99
CA GLU A 211 38.27 19.96 -9.04
C GLU A 211 38.74 20.32 -10.43
N THR A 212 38.02 19.81 -11.41
CA THR A 212 38.46 19.92 -12.77
C THR A 212 37.36 20.48 -13.64
N LYS A 213 36.38 21.11 -13.02
CA LYS A 213 35.29 21.66 -13.78
C LYS A 213 35.81 22.78 -14.66
N LYS A 214 35.31 22.81 -15.89
CA LYS A 214 35.53 23.96 -16.73
C LYS A 214 34.21 24.36 -17.35
N VAL A 215 34.02 25.67 -17.49
CA VAL A 215 32.79 26.21 -18.07
C VAL A 215 33.10 26.85 -19.41
N THR A 216 32.06 27.16 -20.20
CA THR A 216 32.17 27.85 -21.48
C THR A 216 32.25 29.33 -21.24
N SER A 217 32.28 30.14 -22.30
CA SER A 217 32.36 31.60 -22.13
C SER A 217 31.11 32.12 -21.41
N SER A 218 30.06 31.32 -21.58
CA SER A 218 28.72 31.62 -21.07
C SER A 218 28.50 31.19 -19.63
N GLY A 219 29.50 30.55 -19.03
CA GLY A 219 29.38 30.07 -17.65
C GLY A 219 28.74 28.69 -17.53
N VAL A 220 28.42 28.10 -18.68
CA VAL A 220 27.84 26.73 -18.79
C VAL A 220 28.91 25.68 -18.51
N LEU A 221 28.64 24.77 -17.58
CA LEU A 221 29.55 23.71 -17.22
C LEU A 221 29.80 22.83 -18.47
N LEU A 222 31.00 22.29 -18.61
CA LEU A 222 31.38 21.50 -19.79
C LEU A 222 31.51 20.04 -19.42
N LEU A 223 30.67 19.22 -20.02
CA LEU A 223 30.69 17.81 -19.79
C LEU A 223 30.74 17.13 -21.16
N ASP A 224 31.89 16.55 -21.50
CA ASP A 224 32.16 16.11 -22.87
C ASP A 224 32.03 14.61 -23.09
N ASN A 225 31.86 13.87 -22.01
CA ASN A 225 31.69 12.43 -22.09
C ASN A 225 30.45 12.00 -21.27
N TYR A 226 29.81 10.91 -21.69
CA TYR A 226 28.60 10.43 -21.01
C TYR A 226 28.88 10.28 -19.51
N THR A 227 30.08 9.81 -19.18
CA THR A 227 30.44 9.51 -17.80
C THR A 227 30.34 10.70 -16.85
N ASP A 228 30.61 11.90 -17.36
CA ASP A 228 30.65 13.11 -16.53
C ASP A 228 29.25 13.63 -16.28
N ARG A 229 28.46 13.69 -17.34
CA ARG A 229 27.14 14.27 -17.22
C ARG A 229 26.16 13.35 -16.49
N ILE A 230 26.44 12.04 -16.48
CA ILE A 230 25.66 11.13 -15.67
C ILE A 230 26.08 11.18 -14.19
N GLN A 231 27.34 11.55 -13.93
CA GLN A 231 27.79 11.75 -12.54
C GLN A 231 27.16 13.01 -11.94
N VAL A 232 27.09 14.08 -12.74
CA VAL A 232 26.37 15.27 -12.29
C VAL A 232 24.90 14.93 -12.11
N LEU A 233 24.31 14.21 -13.06
CA LEU A 233 22.86 13.89 -13.01
C LEU A 233 22.52 13.11 -11.77
N ARG A 234 23.26 12.04 -11.53
CA ARG A 234 23.00 11.21 -10.37
C ARG A 234 23.18 11.99 -9.04
N ASN A 235 24.22 12.83 -8.95
CA ASN A 235 24.34 13.70 -7.81
C ASN A 235 23.19 14.70 -7.75
N MET A 236 22.74 15.17 -8.92
CA MET A 236 21.65 16.13 -8.95
C MET A 236 20.45 15.52 -8.26
N VAL A 237 20.09 14.30 -8.68
CA VAL A 237 18.91 13.62 -8.12
C VAL A 237 19.11 13.25 -6.61
N HIS A 238 20.33 12.89 -6.21
CA HIS A 238 20.63 12.60 -4.80
C HIS A 238 20.50 13.87 -3.95
N CYS A 239 20.97 15.00 -4.48
CA CYS A 239 20.76 16.30 -3.87
C CYS A 239 19.26 16.59 -3.73
N ALA A 240 18.52 16.38 -4.82
CA ALA A 240 17.12 16.68 -4.77
C ALA A 240 16.47 15.79 -3.74
N ASP A 241 16.88 14.52 -3.72
CA ASP A 241 16.40 13.58 -2.73
C ASP A 241 16.69 14.05 -1.30
N LEU A 242 17.81 14.75 -1.16
CA LEU A 242 18.30 15.20 0.13
C LEU A 242 18.05 16.70 0.34
N SER A 243 16.98 17.24 -0.25
CA SER A 243 16.79 18.70 -0.32
C SER A 243 15.91 19.30 0.77
N ASN A 244 15.19 18.45 1.50
CA ASN A 244 14.24 18.98 2.48
C ASN A 244 14.80 20.15 3.27
N PRO A 245 15.97 19.96 3.88
CA PRO A 245 16.50 20.96 4.78
C PRO A 245 16.99 22.24 4.08
N THR A 246 16.87 22.31 2.76
CA THR A 246 17.31 23.49 2.03
C THR A 246 16.11 24.37 1.66
N LYS A 247 14.91 23.97 2.09
CA LYS A 247 13.68 24.72 1.80
C LYS A 247 13.38 25.71 2.94
N SER A 248 12.44 26.64 2.72
CA SER A 248 12.02 27.61 3.74
C SER A 248 11.70 26.82 4.99
N LEU A 249 12.22 27.28 6.11
CA LEU A 249 12.13 26.55 7.38
C LEU A 249 10.75 25.92 7.62
N GLU A 250 9.70 26.64 7.27
CA GLU A 250 8.36 26.15 7.56
C GLU A 250 8.05 24.84 6.84
N LEU A 251 8.58 24.68 5.63
CA LEU A 251 8.43 23.46 4.86
C LEU A 251 9.34 22.33 5.33
N TYR A 252 10.57 22.67 5.67
CA TYR A 252 11.49 21.72 6.30
C TYR A 252 10.94 21.11 7.60
N ARG A 253 10.17 21.89 8.34
CA ARG A 253 9.55 21.44 9.56
C ARG A 253 8.47 20.42 9.28
N GLN A 254 7.75 20.63 8.19
CA GLN A 254 6.70 19.69 7.83
C GLN A 254 7.26 18.34 7.33
N TRP A 255 8.44 18.38 6.68
CA TRP A 255 9.09 17.19 6.18
C TRP A 255 9.59 16.41 7.33
N THR A 256 10.18 17.12 8.30
CA THR A 256 10.80 16.49 9.46
C THR A 256 9.73 15.77 10.28
N ASP A 257 8.59 16.41 10.51
CA ASP A 257 7.48 15.74 11.19
C ASP A 257 7.12 14.42 10.48
N ARG A 258 6.99 14.44 9.15
CA ARG A 258 6.64 13.25 8.37
C ARG A 258 7.66 12.11 8.49
N ILE A 259 8.94 12.46 8.35
CA ILE A 259 10.03 11.48 8.29
C ILE A 259 10.29 10.86 9.65
N MET A 260 10.14 11.66 10.70
CA MET A 260 10.28 11.17 12.05
C MET A 260 9.13 10.22 12.37
N GLU A 261 7.95 10.58 11.91
CA GLU A 261 6.80 9.69 12.10
C GLU A 261 7.10 8.33 11.47
N GLU A 262 7.72 8.34 10.29
CA GLU A 262 7.96 7.15 9.53
C GLU A 262 9.07 6.33 10.19
N PHE A 263 10.14 6.99 10.67
CA PHE A 263 11.22 6.25 11.35
C PHE A 263 10.74 5.59 12.63
N PHE A 264 9.95 6.31 13.45
CA PHE A 264 9.44 5.81 14.71
C PHE A 264 8.42 4.75 14.48
N GLN A 265 7.77 4.82 13.32
CA GLN A 265 6.85 3.76 12.96
C GLN A 265 7.60 2.48 12.52
N GLN A 266 8.79 2.65 11.97
CA GLN A 266 9.67 1.52 11.77
C GLN A 266 10.13 0.90 13.12
N GLY A 267 10.36 1.72 14.13
CA GLY A 267 10.69 1.21 15.46
C GLY A 267 9.56 0.41 16.11
N ASP A 268 8.33 0.91 16.00
CA ASP A 268 7.13 0.12 16.36
C ASP A 268 6.98 -1.22 15.64
N LYS A 269 7.35 -1.26 14.35
CA LYS A 269 7.29 -2.52 13.61
C LYS A 269 8.37 -3.47 14.09
N GLU A 270 9.53 -2.93 14.45
CA GLU A 270 10.65 -3.74 14.95
C GLU A 270 10.32 -4.34 16.30
N ARG A 271 9.56 -3.61 17.10
CA ARG A 271 9.09 -4.06 18.40
C ARG A 271 8.02 -5.15 18.21
N GLU A 272 6.95 -4.83 17.46
CA GLU A 272 5.88 -5.79 17.15
C GLU A 272 6.39 -7.15 16.67
N ARG A 273 7.49 -7.13 15.92
CA ARG A 273 7.99 -8.33 15.29
C ARG A 273 9.05 -9.02 16.13
N GLY A 274 9.34 -8.45 17.32
CA GLY A 274 10.45 -8.89 18.19
C GLY A 274 11.78 -8.99 17.45
N MET A 275 12.03 -7.98 16.60
CA MET A 275 13.15 -8.00 15.68
C MET A 275 14.48 -7.92 16.39
N GLU A 276 15.54 -8.33 15.70
CA GLU A 276 16.92 -8.35 16.25
C GLU A 276 16.82 -8.35 17.77
N ILE A 277 17.60 -7.50 18.41
CA ILE A 277 17.29 -7.10 19.78
C ILE A 277 17.31 -5.59 19.92
N SER A 278 18.19 -4.92 19.17
CA SER A 278 18.62 -3.53 19.44
C SER A 278 17.58 -2.40 19.23
N PRO A 279 16.93 -1.95 20.32
CA PRO A 279 15.76 -1.08 20.25
C PRO A 279 16.11 0.37 19.92
N MET A 280 15.45 0.91 18.91
CA MET A 280 15.72 2.29 18.49
C MET A 280 15.00 3.21 19.45
N CYS A 281 15.61 4.35 19.76
CA CYS A 281 14.98 5.31 20.68
C CYS A 281 13.65 5.77 20.11
N ASP A 282 12.69 6.04 20.99
CA ASP A 282 11.35 6.43 20.57
C ASP A 282 11.16 7.94 20.72
N LYS A 283 9.98 8.42 20.33
CA LYS A 283 9.62 9.84 20.36
C LYS A 283 9.96 10.57 21.65
N HIS A 284 9.97 9.86 22.79
CA HIS A 284 10.21 10.47 24.10
C HIS A 284 11.67 10.56 24.47
N THR A 285 12.41 9.49 24.16
CA THR A 285 13.81 9.35 24.55
C THR A 285 14.79 9.85 23.49
N ALA A 286 14.32 9.96 22.24
CA ALA A 286 15.12 10.47 21.13
C ALA A 286 15.07 12.00 21.04
N SER A 287 16.15 12.59 20.51
CA SER A 287 16.17 14.00 20.15
C SER A 287 16.11 14.16 18.63
N VAL A 288 15.01 14.72 18.14
CA VAL A 288 14.86 14.97 16.72
C VAL A 288 15.76 16.12 16.27
N GLU A 289 15.99 17.05 17.19
CA GLU A 289 16.80 18.23 16.95
C GLU A 289 18.26 17.84 16.78
N LYS A 290 18.78 17.03 17.70
CA LYS A 290 20.13 16.53 17.58
C LYS A 290 20.32 15.80 16.23
N SER A 291 19.37 14.93 15.88
CA SER A 291 19.51 14.05 14.71
C SER A 291 19.54 14.86 13.42
N GLN A 292 18.73 15.92 13.39
CA GLN A 292 18.74 16.81 12.24
C GLN A 292 20.10 17.44 12.04
N VAL A 293 20.62 18.03 13.10
CA VAL A 293 21.91 18.70 13.03
C VAL A 293 23.01 17.69 12.72
N GLY A 294 22.87 16.47 13.21
CA GLY A 294 23.85 15.41 12.93
C GLY A 294 23.82 15.08 11.45
N PHE A 295 22.60 15.03 10.89
CA PHE A 295 22.41 14.69 9.48
C PHE A 295 22.93 15.81 8.56
N ILE A 296 22.54 17.04 8.86
CA ILE A 296 22.99 18.20 8.12
C ILE A 296 24.53 18.27 8.10
N ASP A 297 25.18 18.06 9.25
CA ASP A 297 26.65 18.13 9.32
C ASP A 297 27.33 16.92 8.67
N TYR A 298 26.75 15.75 8.83
CA TYR A 298 27.40 14.53 8.37
C TYR A 298 27.15 14.23 6.88
N ILE A 299 25.97 14.63 6.39
CA ILE A 299 25.49 14.21 5.08
C ILE A 299 25.02 15.36 4.17
N VAL A 300 24.01 16.11 4.61
CA VAL A 300 23.37 17.10 3.75
C VAL A 300 24.36 18.21 3.36
N HIS A 301 24.89 18.95 4.34
CA HIS A 301 25.74 20.09 4.02
C HIS A 301 26.97 19.74 3.25
N PRO A 302 27.72 18.70 3.67
CA PRO A 302 28.85 18.29 2.82
C PRO A 302 28.45 18.06 1.37
N LEU A 303 27.25 17.52 1.14
CA LEU A 303 26.75 17.34 -0.23
C LEU A 303 26.42 18.66 -0.93
N TRP A 304 25.62 19.51 -0.30
CA TRP A 304 25.19 20.77 -0.91
C TRP A 304 26.29 21.77 -1.13
N GLU A 305 27.25 21.78 -0.21
CA GLU A 305 28.40 22.68 -0.33
C GLU A 305 29.11 22.33 -1.61
N THR A 306 29.31 21.03 -1.84
CA THR A 306 30.00 20.58 -3.05
C THR A 306 29.19 20.87 -4.31
N TRP A 307 27.88 20.67 -4.23
CA TRP A 307 27.00 21.04 -5.33
C TRP A 307 27.08 22.50 -5.65
N ALA A 308 27.28 23.33 -4.62
CA ALA A 308 27.37 24.78 -4.75
C ALA A 308 28.67 25.25 -5.44
N ASP A 309 29.75 24.50 -5.22
CA ASP A 309 30.99 24.74 -5.90
C ASP A 309 30.82 24.47 -7.39
N LEU A 310 30.17 23.36 -7.72
CA LEU A 310 30.07 22.95 -9.10
C LEU A 310 29.32 24.02 -9.89
N VAL A 311 28.33 24.63 -9.25
CA VAL A 311 27.45 25.57 -9.94
C VAL A 311 27.54 27.01 -9.46
N GLN A 312 28.63 27.37 -8.77
CA GLN A 312 28.90 28.77 -8.27
C GLN A 312 28.46 29.85 -9.25
N PRO A 313 27.66 30.82 -8.79
CA PRO A 313 27.08 30.94 -7.45
C PRO A 313 25.57 30.58 -7.47
N ASP A 314 25.18 29.67 -8.36
CA ASP A 314 23.74 29.42 -8.56
C ASP A 314 23.01 28.97 -7.29
N ALA A 315 23.74 28.35 -6.37
CA ALA A 315 23.10 27.63 -5.26
C ALA A 315 23.19 28.38 -3.95
N GLN A 316 23.74 29.59 -3.97
CA GLN A 316 24.02 30.31 -2.72
C GLN A 316 22.81 30.56 -1.81
N ASP A 317 21.69 30.98 -2.37
CA ASP A 317 20.50 31.22 -1.56
C ASP A 317 20.01 29.90 -0.96
N ILE A 318 20.27 28.81 -1.66
CA ILE A 318 19.93 27.49 -1.20
C ILE A 318 20.79 27.13 -0.01
N LEU A 319 22.09 27.26 -0.19
CA LEU A 319 23.05 26.98 0.86
C LEU A 319 22.89 27.89 2.10
N ASP A 320 22.64 29.19 1.90
CA ASP A 320 22.42 30.11 3.03
C ASP A 320 21.20 29.73 3.89
N THR A 321 20.18 29.15 3.23
CA THR A 321 19.00 28.64 3.94
C THR A 321 19.34 27.36 4.73
N LEU A 322 20.23 26.54 4.19
CA LEU A 322 20.55 25.29 4.85
C LEU A 322 21.14 25.57 6.22
N GLU A 323 22.23 26.35 6.21
CA GLU A 323 22.88 26.89 7.42
C GLU A 323 21.86 27.49 8.40
N ASP A 324 21.10 28.48 7.95
CA ASP A 324 20.03 29.05 8.77
C ASP A 324 19.21 27.92 9.42
N ASN A 325 18.77 26.95 8.61
CA ASN A 325 17.93 25.88 9.14
C ASN A 325 18.63 25.00 10.13
N ARG A 326 19.88 24.65 9.82
CA ARG A 326 20.75 23.96 10.77
C ARG A 326 20.86 24.73 12.07
N ASN A 327 21.07 26.04 11.99
CA ASN A 327 21.21 26.87 13.17
C ASN A 327 19.94 26.93 13.97
N TRP A 328 18.82 26.70 13.31
CA TRP A 328 17.54 26.77 13.96
C TRP A 328 17.19 25.48 14.67
N TYR A 329 17.54 24.34 14.08
CA TYR A 329 17.39 23.08 14.79
C TYR A 329 18.39 23.04 15.94
N GLN A 330 19.54 23.63 15.68
CA GLN A 330 20.59 23.76 16.66
C GLN A 330 20.00 24.32 17.94
N SER A 331 19.34 25.46 17.82
CA SER A 331 18.86 26.21 18.98
C SER A 331 17.91 25.43 19.85
N MET A 332 17.27 24.43 19.28
CA MET A 332 16.24 23.66 19.96
C MET A 332 16.79 22.46 20.69
N ILE A 333 18.09 22.22 20.53
CA ILE A 333 18.70 21.08 21.15
C ILE A 333 18.78 21.27 22.68
N PRO A 334 18.23 20.31 23.44
CA PRO A 334 18.35 20.35 24.92
C PRO A 334 19.78 20.10 25.42
N CYS A 348 18.33 2.36 24.70
CA CYS A 348 17.96 2.50 23.28
C CYS A 348 19.09 3.00 22.36
N GLN A 349 18.81 3.13 21.06
CA GLN A 349 19.81 3.56 20.08
C GLN A 349 19.22 4.63 19.17
N GLY A 350 19.86 5.80 19.18
CA GLY A 350 19.30 6.97 18.52
C GLY A 350 19.30 6.98 16.99
N LEU A 351 18.52 7.91 16.45
CA LEU A 351 18.40 8.12 15.03
C LEU A 351 19.69 7.93 14.25
N MET A 352 20.71 8.70 14.59
CA MET A 352 21.94 8.76 13.80
C MET A 352 22.87 7.59 14.10
N GLU A 353 22.78 7.11 15.33
CA GLU A 353 23.48 5.89 15.78
C GLU A 353 23.04 4.71 14.92
N LYS A 354 21.74 4.68 14.61
CA LYS A 354 21.15 3.64 13.81
C LYS A 354 21.47 3.79 12.32
N PHE A 355 21.29 5.00 11.79
CA PHE A 355 21.61 5.27 10.39
C PHE A 355 23.07 4.98 10.03
N GLN A 356 23.99 5.33 10.93
CA GLN A 356 25.43 5.15 10.70
C GLN A 356 25.90 3.72 10.93
N PHE A 357 25.35 3.06 11.95
CA PHE A 357 25.71 1.67 12.20
C PHE A 357 25.37 0.79 11.00
N GLU A 358 24.13 0.91 10.54
CA GLU A 358 23.65 0.12 9.41
C GLU A 358 24.03 0.70 8.04
N LEU A 359 25.13 1.47 8.02
CA LEU A 359 25.81 1.81 6.77
C LEU A 359 26.95 0.83 6.51
N THR A 360 27.21 -0.03 7.50
CA THR A 360 28.16 -1.14 7.35
C THR A 360 27.85 -1.92 6.05
N SER B 3 3.18 -4.34 26.36
CA SER B 3 2.99 -5.62 25.60
C SER B 3 3.60 -5.49 24.19
N ARG B 4 3.60 -6.59 23.44
CA ARG B 4 3.88 -6.55 21.99
C ARG B 4 2.77 -5.79 21.25
N PHE B 5 1.59 -5.74 21.89
CA PHE B 5 0.47 -4.89 21.48
C PHE B 5 0.54 -3.55 22.18
N GLY B 6 1.48 -3.42 23.12
CA GLY B 6 1.71 -2.20 23.87
C GLY B 6 0.45 -1.46 24.25
N VAL B 7 -0.66 -2.19 24.38
CA VAL B 7 -1.99 -1.60 24.63
C VAL B 7 -2.08 -0.98 26.03
N ASN B 8 -2.71 0.19 26.12
CA ASN B 8 -2.81 0.97 27.36
C ASN B 8 -3.51 0.19 28.47
N THR B 9 -3.15 0.49 29.72
CA THR B 9 -3.65 -0.27 30.89
C THR B 9 -5.12 0.04 31.20
N GLU B 10 -5.63 1.15 30.67
CA GLU B 10 -7.05 1.48 30.72
C GLU B 10 -7.76 0.81 29.54
N ASN B 11 -7.01 0.64 28.44
CA ASN B 11 -7.46 -0.08 27.25
C ASN B 11 -7.49 -1.56 27.50
N GLU B 12 -6.51 -2.07 28.22
CA GLU B 12 -6.50 -3.46 28.65
C GLU B 12 -7.88 -3.84 29.14
N ASP B 13 -8.48 -2.94 29.92
CA ASP B 13 -9.83 -3.14 30.45
C ASP B 13 -10.88 -3.10 29.33
N HIS B 14 -11.01 -1.94 28.67
CA HIS B 14 -12.01 -1.74 27.62
C HIS B 14 -11.86 -2.71 26.46
N LEU B 15 -10.67 -3.27 26.27
CA LEU B 15 -10.40 -4.27 25.23
C LEU B 15 -10.81 -5.68 25.66
N ALA B 16 -10.57 -6.02 26.92
CA ALA B 16 -10.90 -7.35 27.46
C ALA B 16 -12.40 -7.61 27.44
N LYS B 17 -13.18 -6.57 27.72
CA LYS B 17 -14.62 -6.71 27.74
C LYS B 17 -15.15 -6.94 26.33
N GLU B 18 -14.58 -6.22 25.36
CA GLU B 18 -15.02 -6.37 23.97
C GLU B 18 -14.81 -7.79 23.48
N LEU B 19 -13.77 -8.45 24.01
CA LEU B 19 -13.40 -9.78 23.60
C LEU B 19 -14.13 -10.87 24.40
N GLU B 20 -14.94 -10.46 25.38
CA GLU B 20 -15.85 -11.40 26.03
C GLU B 20 -16.78 -12.02 24.99
N ASP B 21 -17.05 -11.27 23.92
CA ASP B 21 -18.00 -11.69 22.89
C ASP B 21 -17.35 -12.33 21.68
N LEU B 22 -16.10 -12.78 21.87
CA LEU B 22 -15.31 -13.38 20.78
C LEU B 22 -16.09 -14.44 19.97
N ASN B 23 -16.90 -15.21 20.66
CA ASN B 23 -17.66 -16.29 20.04
C ASN B 23 -19.05 -15.89 19.54
N LYS B 24 -19.38 -14.61 19.63
CA LYS B 24 -20.72 -14.12 19.32
C LYS B 24 -20.74 -13.42 17.98
N TRP B 25 -21.86 -13.54 17.27
CA TRP B 25 -22.04 -12.81 16.00
C TRP B 25 -21.92 -11.33 16.17
N GLY B 26 -22.30 -10.83 17.34
CA GLY B 26 -22.34 -9.41 17.60
C GLY B 26 -21.10 -8.86 18.27
N LEU B 27 -19.97 -9.57 18.13
CA LEU B 27 -18.66 -8.99 18.50
C LEU B 27 -18.47 -7.71 17.71
N ASN B 28 -17.93 -6.67 18.35
CA ASN B 28 -17.66 -5.41 17.66
C ASN B 28 -16.18 -5.22 17.31
N ILE B 29 -15.82 -5.68 16.12
CA ILE B 29 -14.45 -5.57 15.63
C ILE B 29 -13.94 -4.14 15.55
N PHE B 30 -14.84 -3.16 15.38
CA PHE B 30 -14.46 -1.72 15.33
C PHE B 30 -13.86 -1.29 16.67
N ASN B 31 -14.49 -1.70 17.77
CA ASN B 31 -13.95 -1.39 19.09
C ASN B 31 -12.63 -2.11 19.31
N VAL B 32 -12.60 -3.39 18.99
CA VAL B 32 -11.36 -4.16 19.00
C VAL B 32 -10.20 -3.37 18.33
N ALA B 33 -10.43 -2.85 17.13
CA ALA B 33 -9.42 -2.08 16.40
C ALA B 33 -9.00 -0.80 17.15
N GLY B 34 -9.96 -0.12 17.79
CA GLY B 34 -9.69 1.12 18.51
C GLY B 34 -8.97 0.93 19.83
N TYR B 35 -9.23 -0.19 20.50
CA TYR B 35 -8.56 -0.52 21.79
C TYR B 35 -7.29 -1.35 21.62
N SER B 36 -6.93 -1.69 20.38
CA SER B 36 -5.73 -2.50 20.15
C SER B 36 -4.70 -1.71 19.42
N HIS B 37 -4.90 -0.38 19.41
CA HIS B 37 -4.04 0.51 18.61
C HIS B 37 -4.12 0.16 17.16
N ASN B 38 -5.32 -0.20 16.70
CA ASN B 38 -5.56 -0.59 15.32
C ASN B 38 -4.72 -1.78 14.83
N ARG B 39 -4.70 -2.84 15.64
CA ARG B 39 -4.15 -4.13 15.20
C ARG B 39 -5.25 -5.15 15.38
N PRO B 40 -6.32 -5.03 14.62
CA PRO B 40 -7.46 -5.93 14.83
C PRO B 40 -7.21 -7.35 14.32
N LEU B 41 -6.56 -7.48 13.16
CA LEU B 41 -6.30 -8.82 12.64
C LEU B 41 -5.44 -9.61 13.62
N THR B 42 -4.32 -9.00 14.06
CA THR B 42 -3.39 -9.68 14.95
C THR B 42 -4.04 -9.98 16.27
N CYS B 43 -4.72 -9.00 16.81
CA CYS B 43 -5.36 -9.13 18.11
C CYS B 43 -6.48 -10.18 18.10
N ILE B 44 -7.35 -10.14 17.10
CA ILE B 44 -8.46 -11.09 17.01
C ILE B 44 -7.98 -12.51 16.74
N MET B 45 -6.93 -12.64 15.91
CA MET B 45 -6.40 -13.97 15.50
C MET B 45 -5.75 -14.65 16.68
N TYR B 46 -5.10 -13.84 17.52
CA TYR B 46 -4.54 -14.35 18.75
C TYR B 46 -5.63 -14.85 19.74
N ALA B 47 -6.77 -14.16 19.78
CA ALA B 47 -7.89 -14.57 20.60
C ALA B 47 -8.57 -15.86 20.07
N ILE B 48 -8.89 -15.90 18.78
CA ILE B 48 -9.36 -17.15 18.13
C ILE B 48 -8.48 -18.37 18.42
N PHE B 49 -7.19 -18.22 18.12
CA PHE B 49 -6.24 -19.32 18.22
C PHE B 49 -6.16 -19.82 19.65
N GLN B 50 -6.12 -18.87 20.56
CA GLN B 50 -6.04 -19.18 21.95
C GLN B 50 -7.35 -19.83 22.41
N GLU B 51 -8.49 -19.22 22.02
CA GLU B 51 -9.80 -19.71 22.40
C GLU B 51 -10.03 -21.13 21.97
N ARG B 52 -9.47 -21.50 20.82
CA ARG B 52 -9.55 -22.85 20.28
C ARG B 52 -8.30 -23.69 20.61
N ASP B 53 -7.36 -23.13 21.37
CA ASP B 53 -6.16 -23.90 21.66
C ASP B 53 -5.47 -24.43 20.40
N LEU B 54 -5.47 -23.64 19.31
CA LEU B 54 -4.72 -23.97 18.07
C LEU B 54 -3.18 -23.88 18.23
N LEU B 55 -2.73 -23.06 19.17
CA LEU B 55 -1.28 -22.89 19.36
C LEU B 55 -0.75 -24.15 20.02
N LYS B 56 -1.50 -24.64 21.03
CA LYS B 56 -1.15 -25.88 21.69
C LYS B 56 -1.20 -27.08 20.74
N THR B 57 -2.20 -27.14 19.87
CA THR B 57 -2.46 -28.34 19.11
C THR B 57 -1.41 -28.59 18.04
N PHE B 58 -0.81 -27.50 17.56
CA PHE B 58 0.12 -27.55 16.46
C PHE B 58 1.49 -27.03 16.88
N ARG B 59 1.70 -26.89 18.18
CA ARG B 59 2.96 -26.39 18.74
C ARG B 59 3.46 -25.12 18.01
N ILE B 60 2.58 -24.12 17.91
CA ILE B 60 2.95 -22.83 17.34
C ILE B 60 3.39 -21.94 18.51
N SER B 61 4.62 -21.44 18.46
CA SER B 61 5.13 -20.55 19.52
C SER B 61 4.48 -19.18 19.41
N SER B 62 4.00 -18.68 20.54
CA SER B 62 3.35 -17.36 20.60
C SER B 62 4.07 -16.21 19.86
N ASP B 63 5.38 -16.10 20.03
CA ASP B 63 6.11 -15.00 19.39
C ASP B 63 6.11 -15.15 17.87
N THR B 64 6.15 -16.41 17.39
CA THR B 64 6.21 -16.70 15.98
C THR B 64 4.89 -16.24 15.39
N PHE B 65 3.80 -16.70 15.99
CA PHE B 65 2.47 -16.38 15.53
C PHE B 65 2.24 -14.88 15.59
N ILE B 66 2.73 -14.21 16.63
CA ILE B 66 2.55 -12.76 16.67
C ILE B 66 3.33 -12.08 15.56
N THR B 67 4.58 -12.51 15.36
CA THR B 67 5.46 -11.99 14.28
C THR B 67 4.87 -12.24 12.88
N TYR B 68 4.28 -13.41 12.64
CA TYR B 68 3.65 -13.60 11.36
C TYR B 68 2.40 -12.70 11.20
N MET B 69 1.56 -12.70 12.22
CA MET B 69 0.30 -11.97 12.13
C MET B 69 0.54 -10.47 11.96
N MET B 70 1.44 -9.92 12.76
CA MET B 70 1.86 -8.53 12.64
C MET B 70 2.37 -8.22 11.25
N THR B 71 3.03 -9.20 10.63
CA THR B 71 3.60 -9.09 9.29
C THR B 71 2.49 -9.15 8.23
N LEU B 72 1.59 -10.12 8.39
CA LEU B 72 0.42 -10.23 7.48
C LEU B 72 -0.41 -8.96 7.52
N GLU B 73 -0.75 -8.52 8.74
CA GLU B 73 -1.48 -7.28 8.97
C GLU B 73 -0.82 -6.12 8.27
N ASP B 74 0.50 -5.99 8.45
CA ASP B 74 1.26 -4.91 7.86
C ASP B 74 1.02 -4.86 6.36
N HIS B 75 0.74 -6.01 5.75
CA HIS B 75 0.63 -6.09 4.29
C HIS B 75 -0.76 -5.85 3.75
N TYR B 76 -1.69 -5.44 4.62
CA TYR B 76 -3.00 -4.90 4.17
C TYR B 76 -2.81 -3.41 4.05
N HIS B 77 -3.51 -2.76 3.12
CA HIS B 77 -3.35 -1.30 2.94
C HIS B 77 -4.33 -0.51 3.76
N SER B 78 -3.84 0.19 4.77
CA SER B 78 -4.71 1.00 5.63
C SER B 78 -5.36 2.23 4.97
N ASP B 79 -4.86 2.65 3.80
CA ASP B 79 -5.47 3.71 3.00
C ASP B 79 -6.71 3.26 2.20
N VAL B 80 -6.87 1.95 1.96
CA VAL B 80 -8.08 1.41 1.38
C VAL B 80 -9.18 1.43 2.44
N ALA B 81 -10.38 1.83 2.07
CA ALA B 81 -11.42 2.08 3.06
C ALA B 81 -12.03 0.78 3.63
N TYR B 82 -12.27 -0.19 2.76
CA TYR B 82 -12.92 -1.41 3.17
C TYR B 82 -11.92 -2.56 3.28
N HIS B 83 -11.16 -2.82 2.23
CA HIS B 83 -10.30 -4.00 2.22
C HIS B 83 -9.00 -3.84 2.94
N ASN B 84 -9.07 -3.70 4.25
CA ASN B 84 -7.89 -3.51 5.08
C ASN B 84 -7.95 -4.51 6.23
N SER B 85 -7.03 -4.42 7.19
CA SER B 85 -6.93 -5.46 8.23
C SER B 85 -8.22 -5.61 9.06
N LEU B 86 -8.96 -4.53 9.24
CA LEU B 86 -10.26 -4.60 9.94
C LEU B 86 -11.22 -5.61 9.29
N HIS B 87 -11.33 -5.54 7.96
CA HIS B 87 -12.09 -6.53 7.19
C HIS B 87 -11.54 -7.91 7.33
N ALA B 88 -10.21 -8.05 7.32
CA ALA B 88 -9.65 -9.41 7.46
C ALA B 88 -10.00 -10.01 8.82
N ALA B 89 -9.93 -9.16 9.84
CA ALA B 89 -10.23 -9.56 11.21
C ALA B 89 -11.69 -9.97 11.29
N ASP B 90 -12.52 -9.28 10.52
CA ASP B 90 -13.96 -9.46 10.57
C ASP B 90 -14.28 -10.82 10.03
N VAL B 91 -13.70 -11.13 8.87
CA VAL B 91 -13.97 -12.41 8.20
C VAL B 91 -13.43 -13.57 9.03
N ALA B 92 -12.28 -13.35 9.65
CA ALA B 92 -11.67 -14.36 10.49
C ALA B 92 -12.60 -14.65 11.68
N GLN B 93 -12.94 -13.60 12.41
CA GLN B 93 -13.79 -13.76 13.56
C GLN B 93 -15.15 -14.35 13.14
N SER B 94 -15.65 -13.98 11.97
CA SER B 94 -16.94 -14.50 11.52
C SER B 94 -16.87 -15.99 11.19
N THR B 95 -15.86 -16.38 10.40
CA THR B 95 -15.58 -17.79 10.15
C THR B 95 -15.40 -18.55 11.46
N HIS B 96 -14.78 -17.89 12.46
CA HIS B 96 -14.69 -18.44 13.80
C HIS B 96 -16.06 -18.80 14.36
N VAL B 97 -17.01 -17.86 14.32
CA VAL B 97 -18.38 -18.13 14.85
C VAL B 97 -19.11 -19.18 14.02
N LEU B 98 -19.10 -19.04 12.70
CA LEU B 98 -19.71 -20.05 11.83
C LEU B 98 -19.20 -21.50 12.06
N LEU B 99 -17.93 -21.63 12.44
CA LEU B 99 -17.35 -22.95 12.62
C LEU B 99 -17.92 -23.58 13.88
N SER B 100 -18.36 -22.75 14.82
CA SER B 100 -18.78 -23.25 16.10
C SER B 100 -20.27 -23.59 16.05
N THR B 101 -20.85 -23.59 14.86
CA THR B 101 -22.29 -23.74 14.70
C THR B 101 -22.70 -25.18 14.95
N PRO B 102 -23.72 -25.40 15.80
CA PRO B 102 -24.14 -26.74 16.33
C PRO B 102 -24.27 -27.81 15.26
N ALA B 103 -24.73 -27.44 14.07
CA ALA B 103 -24.82 -28.38 12.97
C ALA B 103 -23.47 -28.86 12.42
N LEU B 104 -22.40 -28.08 12.64
CA LEU B 104 -21.06 -28.46 12.19
C LEU B 104 -20.15 -28.78 13.38
N ASP B 105 -20.75 -29.22 14.48
CA ASP B 105 -20.02 -29.56 15.69
C ASP B 105 -19.36 -30.93 15.50
N ALA B 106 -18.02 -30.92 15.54
CA ALA B 106 -17.17 -32.13 15.47
C ALA B 106 -17.16 -32.76 14.05
N VAL B 107 -17.58 -31.96 13.09
CA VAL B 107 -17.42 -32.28 11.70
C VAL B 107 -15.95 -32.10 11.24
N PHE B 108 -15.32 -31.01 11.63
CA PHE B 108 -14.01 -30.65 11.07
C PHE B 108 -12.86 -31.09 11.96
N THR B 109 -11.81 -31.55 11.31
CA THR B 109 -10.54 -31.83 11.98
C THR B 109 -9.89 -30.51 12.46
N ASP B 110 -8.81 -30.64 13.21
CA ASP B 110 -8.16 -29.48 13.77
C ASP B 110 -7.46 -28.71 12.68
N LEU B 111 -6.97 -29.47 11.71
CA LEU B 111 -6.26 -28.94 10.56
C LEU B 111 -7.22 -28.10 9.72
N GLU B 112 -8.41 -28.64 9.51
CA GLU B 112 -9.48 -27.95 8.77
C GLU B 112 -9.88 -26.65 9.44
N ILE B 113 -10.09 -26.71 10.75
CA ILE B 113 -10.42 -25.52 11.50
C ILE B 113 -9.30 -24.47 11.34
N LEU B 114 -8.03 -24.91 11.43
CA LEU B 114 -6.86 -24.03 11.29
C LEU B 114 -6.80 -23.43 9.89
N ALA B 115 -7.02 -24.26 8.89
CA ALA B 115 -6.98 -23.81 7.51
C ALA B 115 -8.03 -22.74 7.24
N ALA B 116 -9.26 -22.96 7.69
CA ALA B 116 -10.33 -22.02 7.43
C ALA B 116 -10.04 -20.64 8.03
N ILE B 117 -9.48 -20.62 9.23
CA ILE B 117 -9.30 -19.35 9.94
C ILE B 117 -8.16 -18.60 9.31
N PHE B 118 -7.12 -19.36 8.94
CA PHE B 118 -5.98 -18.82 8.27
C PHE B 118 -6.42 -18.31 6.92
N ALA B 119 -7.22 -19.10 6.22
CA ALA B 119 -7.73 -18.66 4.92
C ALA B 119 -8.43 -17.31 5.05
N ALA B 120 -9.43 -17.24 5.91
CA ALA B 120 -10.12 -15.97 6.24
C ALA B 120 -9.14 -14.82 6.51
N ALA B 121 -8.11 -15.12 7.30
CA ALA B 121 -7.10 -14.13 7.66
C ALA B 121 -6.37 -13.54 6.47
N ILE B 122 -6.05 -14.39 5.48
CA ILE B 122 -5.20 -13.92 4.37
C ILE B 122 -6.00 -13.46 3.13
N HIS B 123 -7.28 -13.78 3.10
CA HIS B 123 -8.05 -13.69 1.87
C HIS B 123 -8.07 -12.36 1.11
N ASP B 124 -7.65 -11.27 1.74
CA ASP B 124 -7.58 -9.99 1.05
C ASP B 124 -6.23 -9.23 1.13
N VAL B 125 -5.25 -9.80 1.83
CA VAL B 125 -3.97 -9.14 2.04
C VAL B 125 -3.45 -8.47 0.75
N ASP B 126 -2.86 -7.28 0.88
CA ASP B 126 -2.29 -6.55 -0.25
C ASP B 126 -3.34 -6.17 -1.28
N HIS B 127 -4.56 -5.88 -0.82
CA HIS B 127 -5.64 -5.47 -1.70
C HIS B 127 -5.43 -4.06 -2.14
N PRO B 128 -5.37 -3.84 -3.46
CA PRO B 128 -5.09 -2.49 -3.98
C PRO B 128 -6.30 -1.57 -3.88
N GLY B 129 -7.46 -2.12 -3.54
CA GLY B 129 -8.71 -1.33 -3.47
C GLY B 129 -9.48 -1.23 -4.78
N VAL B 130 -9.17 -2.07 -5.75
CA VAL B 130 -9.89 -2.07 -7.01
C VAL B 130 -10.26 -3.50 -7.33
N SER B 131 -11.21 -3.69 -8.25
CA SER B 131 -11.64 -5.03 -8.68
C SER B 131 -10.66 -5.81 -9.56
N ASN B 132 -10.91 -7.11 -9.66
CA ASN B 132 -10.36 -7.97 -10.71
C ASN B 132 -10.46 -7.38 -12.14
N GLN B 133 -11.65 -6.93 -12.50
CA GLN B 133 -11.94 -6.39 -13.79
C GLN B 133 -11.16 -5.10 -14.05
N PHE B 134 -11.06 -4.23 -13.03
CA PHE B 134 -10.14 -3.08 -13.12
C PHE B 134 -8.73 -3.49 -13.59
N LEU B 135 -8.10 -4.43 -12.90
CA LEU B 135 -6.72 -4.84 -13.22
C LEU B 135 -6.60 -5.48 -14.61
N ILE B 136 -7.66 -6.17 -15.03
CA ILE B 136 -7.67 -6.81 -16.34
C ILE B 136 -7.71 -5.73 -17.39
N ASN B 137 -8.53 -4.71 -17.13
CA ASN B 137 -8.75 -3.66 -18.11
C ASN B 137 -7.57 -2.72 -18.17
N THR B 138 -6.79 -2.62 -17.08
CA THR B 138 -5.53 -1.88 -17.15
C THR B 138 -4.36 -2.75 -17.57
N ASN B 139 -4.60 -4.07 -17.74
CA ASN B 139 -3.53 -4.99 -18.09
C ASN B 139 -2.44 -5.07 -17.02
N SER B 140 -2.87 -5.09 -15.76
CA SER B 140 -2.01 -5.33 -14.61
C SER B 140 -1.05 -6.49 -14.87
N GLU B 141 0.18 -6.39 -14.37
CA GLU B 141 1.07 -7.54 -14.35
C GLU B 141 0.42 -8.74 -13.64
N LEU B 142 -0.34 -8.48 -12.57
CA LEU B 142 -1.13 -9.54 -11.91
C LEU B 142 -2.11 -10.26 -12.84
N ALA B 143 -2.84 -9.50 -13.66
CA ALA B 143 -3.80 -10.07 -14.61
C ALA B 143 -3.05 -10.81 -15.73
N LEU B 144 -1.80 -10.41 -15.96
CA LEU B 144 -0.99 -11.14 -16.91
C LEU B 144 -0.45 -12.44 -16.36
N MET B 145 0.10 -12.43 -15.14
CA MET B 145 0.62 -13.68 -14.57
C MET B 145 -0.47 -14.73 -14.29
N TYR B 146 -1.70 -14.30 -14.08
CA TYR B 146 -2.76 -15.22 -13.69
C TYR B 146 -3.81 -15.50 -14.75
N ASN B 147 -3.50 -15.13 -15.99
CA ASN B 147 -4.37 -15.32 -17.13
C ASN B 147 -5.79 -14.78 -16.91
N ASP B 148 -5.89 -13.67 -16.16
CA ASP B 148 -7.16 -12.95 -15.92
C ASP B 148 -8.14 -13.69 -15.01
N GLU B 149 -7.75 -14.83 -14.50
CA GLU B 149 -8.63 -15.61 -13.64
C GLU B 149 -8.32 -15.41 -12.15
N SER B 150 -9.34 -15.06 -11.39
CA SER B 150 -9.19 -14.91 -9.94
C SER B 150 -7.98 -14.08 -9.60
N VAL B 151 -7.79 -13.03 -10.37
CA VAL B 151 -6.55 -12.27 -10.37
C VAL B 151 -6.08 -11.91 -8.97
N LEU B 152 -6.84 -11.07 -8.26
CA LEU B 152 -6.50 -10.70 -6.89
C LEU B 152 -6.47 -11.87 -5.91
N GLU B 153 -7.39 -12.83 -6.09
CA GLU B 153 -7.49 -13.97 -5.18
C GLU B 153 -6.23 -14.83 -5.21
N ASN B 154 -5.72 -15.09 -6.40
CA ASN B 154 -4.44 -15.78 -6.55
C ASN B 154 -3.33 -14.96 -5.94
N HIS B 155 -3.43 -13.65 -6.04
CA HIS B 155 -2.42 -12.81 -5.43
C HIS B 155 -2.44 -12.94 -3.93
N HIS B 156 -3.63 -12.88 -3.32
CA HIS B 156 -3.75 -12.94 -1.86
C HIS B 156 -3.10 -14.20 -1.31
N LEU B 157 -3.37 -15.33 -1.98
CA LEU B 157 -2.75 -16.61 -1.63
C LEU B 157 -1.22 -16.51 -1.60
N ALA B 158 -0.68 -16.02 -2.72
CA ALA B 158 0.75 -15.88 -2.86
C ALA B 158 1.34 -15.07 -1.72
N VAL B 159 0.75 -13.93 -1.40
CA VAL B 159 1.28 -13.06 -0.37
C VAL B 159 1.15 -13.66 1.02
N GLY B 160 -0.03 -14.19 1.31
CA GLY B 160 -0.25 -14.92 2.53
C GLY B 160 0.73 -16.04 2.78
N PHE B 161 0.96 -16.88 1.78
CA PHE B 161 1.89 -17.98 1.95
C PHE B 161 3.36 -17.52 1.96
N LYS B 162 3.68 -16.50 1.17
CA LYS B 162 5.07 -16.05 1.06
C LYS B 162 5.47 -15.41 2.39
N LEU B 163 4.52 -14.76 3.08
CA LEU B 163 4.83 -14.07 4.34
C LEU B 163 5.22 -15.04 5.44
N LEU B 164 4.84 -16.31 5.27
CA LEU B 164 5.30 -17.38 6.15
C LEU B 164 6.84 -17.51 6.11
N GLN B 165 7.45 -17.02 5.01
CA GLN B 165 8.89 -17.22 4.75
C GLN B 165 9.78 -16.16 5.35
N GLU B 166 9.19 -15.02 5.70
CA GLU B 166 9.97 -13.98 6.39
C GLU B 166 10.51 -14.47 7.73
N GLU B 167 11.41 -13.71 8.33
CA GLU B 167 12.09 -14.11 9.56
C GLU B 167 11.11 -14.41 10.71
N HIS B 168 11.18 -15.62 11.28
CA HIS B 168 10.40 -15.99 12.49
C HIS B 168 8.91 -15.99 12.29
N CYS B 169 8.47 -16.37 11.10
CA CYS B 169 7.07 -16.27 10.72
C CYS B 169 6.43 -17.56 10.29
N ASP B 170 7.17 -18.67 10.33
CA ASP B 170 6.64 -19.94 9.82
C ASP B 170 5.79 -20.56 10.89
N ILE B 171 4.52 -20.18 10.89
CA ILE B 171 3.63 -20.60 11.93
C ILE B 171 3.21 -22.05 11.69
N PHE B 172 3.58 -22.57 10.52
CA PHE B 172 3.33 -23.97 10.15
C PHE B 172 4.58 -24.83 10.20
N MET B 173 5.58 -24.37 10.96
CA MET B 173 6.88 -25.04 11.05
C MET B 173 6.75 -26.47 11.60
N ASN B 174 5.84 -26.63 12.56
CA ASN B 174 5.62 -27.90 13.22
C ASN B 174 4.64 -28.87 12.58
N LEU B 175 3.95 -28.46 11.52
CA LEU B 175 3.11 -29.38 10.78
C LEU B 175 3.98 -30.39 10.01
N THR B 176 3.42 -31.50 9.59
CA THR B 176 4.17 -32.46 8.79
C THR B 176 4.09 -31.94 7.38
N LYS B 177 4.89 -32.48 6.48
CA LYS B 177 4.88 -32.02 5.10
C LYS B 177 3.50 -32.28 4.51
N LYS B 178 3.00 -33.50 4.75
CA LYS B 178 1.70 -33.90 4.27
C LYS B 178 0.59 -32.98 4.77
N GLN B 179 0.56 -32.75 6.09
CA GLN B 179 -0.37 -31.82 6.69
C GLN B 179 -0.30 -30.46 6.00
N ARG B 180 0.92 -29.93 5.79
CA ARG B 180 1.12 -28.68 5.06
C ARG B 180 0.58 -28.68 3.61
N GLN B 181 0.80 -29.77 2.87
CA GLN B 181 0.28 -29.84 1.49
C GLN B 181 -1.26 -29.85 1.53
N THR B 182 -1.81 -30.55 2.53
CA THR B 182 -3.25 -30.63 2.78
C THR B 182 -3.83 -29.26 3.13
N LEU B 183 -3.21 -28.55 4.08
CA LEU B 183 -3.68 -27.23 4.49
C LEU B 183 -3.68 -26.23 3.32
N ARG B 184 -2.63 -26.29 2.51
CA ARG B 184 -2.43 -25.40 1.38
C ARG B 184 -3.48 -25.63 0.31
N LYS B 185 -3.93 -26.88 0.21
CA LYS B 185 -4.91 -27.20 -0.80
C LYS B 185 -6.27 -26.67 -0.36
N MET B 186 -6.56 -26.85 0.92
CA MET B 186 -7.78 -26.32 1.53
C MET B 186 -7.83 -24.79 1.50
N VAL B 187 -6.70 -24.18 1.85
CA VAL B 187 -6.67 -22.72 1.89
C VAL B 187 -6.82 -22.14 0.50
N ILE B 188 -6.27 -22.86 -0.50
CA ILE B 188 -6.37 -22.40 -1.88
C ILE B 188 -7.83 -22.39 -2.29
N ASP B 189 -8.49 -23.55 -2.18
CA ASP B 189 -9.90 -23.70 -2.60
C ASP B 189 -10.79 -22.69 -1.88
N MET B 190 -10.55 -22.47 -0.59
CA MET B 190 -11.35 -21.49 0.18
C MET B 190 -11.12 -20.05 -0.28
N VAL B 191 -9.86 -19.66 -0.55
CA VAL B 191 -9.58 -18.29 -0.95
C VAL B 191 -10.10 -17.98 -2.35
N LEU B 192 -9.89 -18.93 -3.26
CA LEU B 192 -10.45 -18.84 -4.59
C LEU B 192 -11.98 -18.68 -4.59
N ALA B 193 -12.65 -19.21 -3.57
CA ALA B 193 -14.13 -19.15 -3.46
C ALA B 193 -14.64 -17.78 -3.05
N THR B 194 -13.72 -16.86 -2.72
CA THR B 194 -14.11 -15.50 -2.41
C THR B 194 -14.22 -14.66 -3.70
N ASP B 195 -13.85 -15.27 -4.83
CA ASP B 195 -13.92 -14.61 -6.13
C ASP B 195 -15.39 -14.50 -6.46
N MET B 196 -15.89 -13.26 -6.50
CA MET B 196 -17.32 -13.02 -6.64
C MET B 196 -17.89 -13.60 -7.93
N SER B 197 -17.06 -13.66 -8.98
CA SER B 197 -17.49 -14.20 -10.27
C SER B 197 -17.79 -15.70 -10.21
N LYS B 198 -17.46 -16.32 -9.07
CA LYS B 198 -17.78 -17.73 -8.87
C LYS B 198 -18.96 -17.94 -7.93
N HIS B 199 -19.47 -16.87 -7.36
CA HIS B 199 -20.60 -16.99 -6.44
C HIS B 199 -21.74 -17.89 -6.93
N MET B 200 -22.25 -17.62 -8.14
CA MET B 200 -23.42 -18.32 -8.64
C MET B 200 -23.21 -19.82 -8.71
N SER B 201 -22.12 -20.25 -9.33
CA SER B 201 -21.86 -21.68 -9.46
C SER B 201 -21.66 -22.27 -8.07
N LEU B 202 -20.98 -21.50 -7.23
CA LEU B 202 -20.77 -21.91 -5.84
C LEU B 202 -22.09 -22.17 -5.11
N LEU B 203 -23.04 -21.24 -5.23
CA LEU B 203 -24.32 -21.39 -4.56
C LEU B 203 -25.15 -22.54 -5.17
N ALA B 204 -25.07 -22.70 -6.49
CA ALA B 204 -25.85 -23.79 -7.13
C ALA B 204 -25.46 -25.14 -6.55
N ASP B 205 -24.16 -25.44 -6.59
CA ASP B 205 -23.63 -26.68 -6.08
C ASP B 205 -24.04 -26.87 -4.62
N LEU B 206 -24.09 -25.77 -3.88
CA LEU B 206 -24.48 -25.82 -2.46
C LEU B 206 -25.97 -26.12 -2.29
N LYS B 207 -26.79 -25.57 -3.16
CA LYS B 207 -28.20 -25.92 -3.15
C LYS B 207 -28.34 -27.40 -3.40
N THR B 208 -27.57 -27.88 -4.36
CA THR B 208 -27.52 -29.32 -4.69
C THR B 208 -27.08 -30.17 -3.50
N MET B 209 -26.14 -29.67 -2.73
CA MET B 209 -25.70 -30.37 -1.53
C MET B 209 -26.78 -30.46 -0.46
N VAL B 210 -27.48 -29.35 -0.22
CA VAL B 210 -28.54 -29.31 0.80
C VAL B 210 -29.68 -30.23 0.39
N GLU B 211 -29.91 -30.32 -0.93
CA GLU B 211 -30.94 -31.19 -1.53
C GLU B 211 -30.78 -32.64 -1.12
N THR B 212 -29.56 -33.02 -0.77
CA THR B 212 -29.21 -34.41 -0.49
C THR B 212 -28.47 -34.59 0.84
N LYS B 213 -28.47 -33.56 1.68
CA LYS B 213 -27.75 -33.60 2.94
C LYS B 213 -28.19 -34.78 3.84
N LYS B 214 -27.27 -35.20 4.70
CA LYS B 214 -27.53 -36.23 5.69
C LYS B 214 -27.15 -35.67 7.06
N VAL B 215 -27.98 -35.91 8.06
CA VAL B 215 -27.65 -35.50 9.43
C VAL B 215 -27.58 -36.71 10.36
N THR B 216 -27.15 -36.48 11.59
CA THR B 216 -27.21 -37.48 12.64
C THR B 216 -28.61 -37.52 13.23
N SER B 217 -28.91 -38.60 13.95
CA SER B 217 -30.14 -38.71 14.72
C SER B 217 -30.36 -37.50 15.64
N SER B 218 -29.26 -36.96 16.18
CA SER B 218 -29.28 -35.78 17.03
C SER B 218 -29.60 -34.53 16.22
N GLY B 219 -28.69 -34.17 15.31
CA GLY B 219 -28.78 -32.94 14.54
C GLY B 219 -27.39 -32.42 14.27
N VAL B 220 -26.64 -33.17 13.47
CA VAL B 220 -25.26 -32.84 13.08
C VAL B 220 -25.03 -33.29 11.64
N LEU B 221 -24.35 -32.45 10.89
CA LEU B 221 -24.17 -32.70 9.49
C LEU B 221 -23.25 -33.89 9.23
N LEU B 222 -23.66 -34.74 8.29
CA LEU B 222 -22.81 -35.81 7.78
C LEU B 222 -22.05 -35.34 6.53
N LEU B 223 -20.77 -35.07 6.72
CA LEU B 223 -19.85 -34.90 5.61
C LEU B 223 -18.79 -35.98 5.72
N ASP B 224 -18.83 -36.92 4.78
CA ASP B 224 -17.99 -38.12 4.87
C ASP B 224 -16.68 -38.03 4.12
N ASN B 225 -16.70 -37.38 2.96
CA ASN B 225 -15.51 -37.26 2.10
C ASN B 225 -14.98 -35.83 2.01
N TYR B 226 -13.78 -35.70 1.42
CA TYR B 226 -13.11 -34.42 1.28
C TYR B 226 -13.91 -33.42 0.43
N THR B 227 -14.34 -33.83 -0.77
CA THR B 227 -15.06 -32.93 -1.68
C THR B 227 -16.22 -32.23 -0.98
N ASP B 228 -16.79 -32.92 -0.01
CA ASP B 228 -17.98 -32.42 0.64
C ASP B 228 -17.66 -31.52 1.80
N ARG B 229 -16.61 -31.87 2.52
CA ARG B 229 -16.14 -31.04 3.62
C ARG B 229 -15.60 -29.71 3.14
N ILE B 230 -14.87 -29.75 2.02
CA ILE B 230 -14.30 -28.57 1.41
C ILE B 230 -15.36 -27.67 0.80
N GLN B 231 -16.49 -28.25 0.44
CA GLN B 231 -17.52 -27.47 -0.24
C GLN B 231 -18.16 -26.57 0.78
N VAL B 232 -18.42 -27.12 1.96
CA VAL B 232 -18.94 -26.35 3.09
C VAL B 232 -17.94 -25.29 3.52
N LEU B 233 -16.67 -25.69 3.60
CA LEU B 233 -15.64 -24.74 4.01
C LEU B 233 -15.57 -23.55 3.04
N ARG B 234 -15.70 -23.85 1.76
CA ARG B 234 -15.68 -22.81 0.74
C ARG B 234 -16.88 -21.86 0.87
N ASN B 235 -18.07 -22.40 1.10
CA ASN B 235 -19.24 -21.55 1.26
C ASN B 235 -19.26 -20.79 2.58
N MET B 236 -18.65 -21.38 3.59
CA MET B 236 -18.52 -20.71 4.88
C MET B 236 -17.69 -19.43 4.76
N VAL B 237 -16.46 -19.56 4.26
CA VAL B 237 -15.58 -18.41 4.11
C VAL B 237 -16.25 -17.33 3.24
N HIS B 238 -16.97 -17.78 2.21
CA HIS B 238 -17.67 -16.90 1.31
C HIS B 238 -18.85 -16.18 1.99
N CYS B 239 -19.62 -16.90 2.81
CA CYS B 239 -20.68 -16.31 3.64
C CYS B 239 -20.12 -15.32 4.69
N ALA B 240 -19.08 -15.73 5.41
CA ALA B 240 -18.38 -14.81 6.32
C ALA B 240 -17.90 -13.56 5.58
N ASP B 241 -17.39 -13.75 4.39
CA ASP B 241 -16.94 -12.64 3.56
C ASP B 241 -18.09 -11.73 3.22
N LEU B 242 -19.23 -12.33 2.93
CA LEU B 242 -20.42 -11.58 2.56
C LEU B 242 -21.35 -11.51 3.73
N SER B 243 -20.81 -11.20 4.90
CA SER B 243 -21.60 -11.37 6.11
C SER B 243 -22.03 -10.05 6.70
N ASN B 244 -21.57 -8.93 6.15
CA ASN B 244 -21.86 -7.63 6.73
C ASN B 244 -23.36 -7.37 6.88
N PRO B 245 -24.17 -7.64 5.84
CA PRO B 245 -25.59 -7.28 6.04
C PRO B 245 -26.34 -8.19 7.04
N THR B 246 -25.66 -9.21 7.53
CA THR B 246 -26.24 -10.10 8.51
C THR B 246 -25.80 -9.68 9.91
N LYS B 247 -25.02 -8.60 9.98
CA LYS B 247 -24.58 -8.07 11.27
C LYS B 247 -25.58 -7.09 11.83
N SER B 248 -25.45 -6.84 13.13
CA SER B 248 -26.25 -5.85 13.83
C SER B 248 -26.13 -4.56 13.07
N LEU B 249 -27.25 -3.86 12.89
CA LEU B 249 -27.30 -2.70 11.98
C LEU B 249 -26.16 -1.66 12.13
N GLU B 250 -25.66 -1.47 13.35
CA GLU B 250 -24.62 -0.44 13.60
C GLU B 250 -23.31 -0.85 12.93
N LEU B 251 -23.02 -2.14 12.97
CA LEU B 251 -21.88 -2.72 12.27
C LEU B 251 -22.08 -2.54 10.78
N TYR B 252 -23.19 -3.08 10.28
CA TYR B 252 -23.52 -2.96 8.87
C TYR B 252 -23.37 -1.53 8.26
N ARG B 253 -23.97 -0.53 8.88
CA ARG B 253 -23.90 0.82 8.37
C ARG B 253 -22.45 1.27 8.21
N GLN B 254 -21.59 0.80 9.11
CA GLN B 254 -20.20 1.22 9.12
C GLN B 254 -19.36 0.49 8.08
N TRP B 255 -19.65 -0.79 7.89
CA TRP B 255 -19.13 -1.50 6.73
C TRP B 255 -19.59 -0.89 5.44
N THR B 256 -20.84 -0.40 5.40
CA THR B 256 -21.40 0.17 4.16
C THR B 256 -20.73 1.47 3.80
N ASP B 257 -20.69 2.43 4.73
CA ASP B 257 -19.97 3.69 4.50
C ASP B 257 -18.58 3.43 3.86
N ARG B 258 -17.84 2.47 4.40
CA ARG B 258 -16.50 2.11 3.94
C ARG B 258 -16.43 1.55 2.51
N ILE B 259 -17.25 0.56 2.20
CA ILE B 259 -17.10 -0.09 0.93
C ILE B 259 -17.55 0.84 -0.18
N MET B 260 -18.47 1.73 0.16
CA MET B 260 -18.95 2.76 -0.74
C MET B 260 -17.84 3.75 -0.99
N GLU B 261 -17.08 4.08 0.04
CA GLU B 261 -15.92 4.94 -0.17
C GLU B 261 -14.97 4.29 -1.17
N GLU B 262 -14.68 3.03 -0.96
CA GLU B 262 -13.69 2.33 -1.78
C GLU B 262 -14.17 2.23 -3.23
N PHE B 263 -15.47 1.96 -3.41
CA PHE B 263 -16.05 1.79 -4.72
C PHE B 263 -15.95 3.09 -5.48
N PHE B 264 -16.43 4.16 -4.87
CA PHE B 264 -16.42 5.45 -5.55
C PHE B 264 -15.00 5.88 -5.82
N GLN B 265 -14.12 5.53 -4.90
CA GLN B 265 -12.73 5.71 -5.16
C GLN B 265 -12.28 4.97 -6.45
N GLN B 266 -12.78 3.74 -6.69
CA GLN B 266 -12.44 3.06 -7.96
C GLN B 266 -12.99 3.79 -9.18
N GLY B 267 -14.14 4.42 -9.02
CA GLY B 267 -14.65 5.26 -10.09
C GLY B 267 -13.71 6.44 -10.31
N ASP B 268 -13.13 6.98 -9.24
CA ASP B 268 -12.16 8.06 -9.41
C ASP B 268 -10.99 7.58 -10.27
N LYS B 269 -10.37 6.46 -9.87
CA LYS B 269 -9.28 5.83 -10.65
C LYS B 269 -9.64 5.53 -12.12
N GLU B 270 -10.86 5.10 -12.38
CA GLU B 270 -11.31 4.79 -13.75
C GLU B 270 -11.33 6.05 -14.61
N ARG B 271 -11.77 7.15 -14.02
CA ARG B 271 -11.79 8.45 -14.66
C ARG B 271 -10.36 8.96 -14.82
N GLU B 272 -9.56 8.81 -13.77
CA GLU B 272 -8.19 9.32 -13.77
C GLU B 272 -7.36 8.69 -14.87
N ARG B 273 -7.54 7.39 -15.06
CA ARG B 273 -6.80 6.65 -16.07
C ARG B 273 -7.55 6.55 -17.38
N GLY B 274 -8.63 7.32 -17.52
CA GLY B 274 -9.45 7.36 -18.75
C GLY B 274 -9.88 6.02 -19.30
N MET B 275 -10.24 5.07 -18.43
CA MET B 275 -10.65 3.74 -18.87
C MET B 275 -11.85 3.81 -19.81
N GLU B 276 -11.80 3.00 -20.88
CA GLU B 276 -12.90 2.85 -21.84
C GLU B 276 -14.03 2.07 -21.19
N ILE B 277 -14.89 2.82 -20.52
CA ILE B 277 -15.87 2.25 -19.61
C ILE B 277 -16.85 3.34 -19.23
N SER B 278 -18.11 2.96 -19.03
CA SER B 278 -19.14 3.91 -18.64
C SER B 278 -18.82 4.51 -17.27
N PRO B 279 -18.95 5.84 -17.13
CA PRO B 279 -18.54 6.50 -15.88
C PRO B 279 -19.49 6.11 -14.74
N MET B 280 -18.94 5.35 -13.80
CA MET B 280 -19.66 4.93 -12.60
C MET B 280 -20.23 6.15 -11.90
N CYS B 281 -21.49 6.04 -11.51
CA CYS B 281 -22.20 7.06 -10.75
C CYS B 281 -21.46 7.34 -9.42
N ASP B 282 -21.22 8.62 -9.11
CA ASP B 282 -20.47 9.06 -7.90
C ASP B 282 -21.39 9.18 -6.68
N LYS B 283 -20.82 9.54 -5.52
CA LYS B 283 -21.56 9.64 -4.25
C LYS B 283 -22.84 10.50 -4.31
N HIS B 284 -22.78 11.57 -5.09
CA HIS B 284 -23.92 12.48 -5.31
C HIS B 284 -25.01 11.88 -6.16
N THR B 285 -24.62 11.04 -7.11
CA THR B 285 -25.55 10.51 -8.14
C THR B 285 -25.82 9.02 -8.01
N ALA B 286 -25.16 8.34 -7.06
CA ALA B 286 -25.46 6.94 -6.80
C ALA B 286 -26.51 6.83 -5.70
N SER B 287 -27.11 5.66 -5.59
CA SER B 287 -28.10 5.39 -4.56
C SER B 287 -27.66 4.27 -3.65
N VAL B 288 -26.95 4.62 -2.60
CA VAL B 288 -26.39 3.62 -1.70
C VAL B 288 -27.50 2.71 -1.17
N GLU B 289 -28.55 3.32 -0.59
CA GLU B 289 -29.69 2.57 -0.04
C GLU B 289 -30.32 1.58 -1.02
N LYS B 290 -30.60 2.03 -2.23
CA LYS B 290 -31.20 1.20 -3.26
C LYS B 290 -30.28 0.01 -3.59
N SER B 291 -29.00 0.30 -3.83
CA SER B 291 -28.03 -0.74 -4.22
C SER B 291 -27.84 -1.79 -3.14
N GLN B 292 -27.89 -1.38 -1.87
CA GLN B 292 -27.80 -2.35 -0.80
C GLN B 292 -28.94 -3.36 -0.84
N VAL B 293 -30.17 -2.88 -0.92
CA VAL B 293 -31.32 -3.77 -1.10
C VAL B 293 -31.12 -4.67 -2.34
N GLY B 294 -30.64 -4.08 -3.44
CA GLY B 294 -30.38 -4.79 -4.69
C GLY B 294 -29.34 -5.90 -4.56
N PHE B 295 -28.25 -5.60 -3.85
CA PHE B 295 -27.20 -6.58 -3.57
C PHE B 295 -27.74 -7.74 -2.77
N ILE B 296 -28.46 -7.39 -1.71
CA ILE B 296 -28.99 -8.39 -0.80
C ILE B 296 -29.99 -9.35 -1.46
N ASP B 297 -30.83 -8.86 -2.36
CA ASP B 297 -31.81 -9.74 -3.04
C ASP B 297 -31.17 -10.64 -4.07
N TYR B 298 -30.15 -10.13 -4.71
CA TYR B 298 -29.55 -10.81 -5.81
C TYR B 298 -28.46 -11.78 -5.34
N ILE B 299 -27.75 -11.41 -4.26
CA ILE B 299 -26.54 -12.17 -3.80
C ILE B 299 -26.64 -12.69 -2.36
N VAL B 300 -26.67 -11.76 -1.40
CA VAL B 300 -26.49 -12.10 0.02
C VAL B 300 -27.60 -12.97 0.58
N HIS B 301 -28.83 -12.57 0.30
CA HIS B 301 -29.95 -13.30 0.81
C HIS B 301 -30.01 -14.72 0.24
N PRO B 302 -29.94 -14.91 -1.08
CA PRO B 302 -30.01 -16.28 -1.58
C PRO B 302 -28.96 -17.17 -0.96
N LEU B 303 -27.75 -16.64 -0.81
CA LEU B 303 -26.65 -17.41 -0.24
C LEU B 303 -26.92 -17.84 1.20
N TRP B 304 -27.25 -16.85 2.04
CA TRP B 304 -27.53 -17.11 3.43
C TRP B 304 -28.74 -17.96 3.64
N GLU B 305 -29.79 -17.69 2.87
CA GLU B 305 -30.98 -18.52 2.95
C GLU B 305 -30.61 -19.96 2.60
N THR B 306 -29.73 -20.17 1.63
CA THR B 306 -29.28 -21.51 1.36
C THR B 306 -28.38 -22.07 2.49
N TRP B 307 -27.65 -21.19 3.18
CA TRP B 307 -26.74 -21.65 4.21
C TRP B 307 -27.51 -22.10 5.43
N ALA B 308 -28.53 -21.32 5.76
CA ALA B 308 -29.44 -21.62 6.85
C ALA B 308 -30.14 -22.96 6.62
N ASP B 309 -30.53 -23.20 5.37
CA ASP B 309 -31.19 -24.43 4.99
C ASP B 309 -30.32 -25.60 5.45
N LEU B 310 -29.02 -25.48 5.17
CA LEU B 310 -27.99 -26.50 5.45
C LEU B 310 -27.70 -26.69 6.93
N VAL B 311 -27.90 -25.66 7.75
CA VAL B 311 -27.63 -25.75 9.18
C VAL B 311 -28.83 -25.52 10.10
N GLN B 312 -30.05 -25.47 9.53
CA GLN B 312 -31.26 -25.17 10.31
C GLN B 312 -31.30 -25.93 11.63
N PRO B 313 -31.72 -25.26 12.70
CA PRO B 313 -32.18 -23.86 12.71
C PRO B 313 -31.09 -22.92 13.19
N ASP B 314 -29.84 -23.23 12.86
CA ASP B 314 -28.71 -22.55 13.50
C ASP B 314 -28.46 -21.12 13.08
N ALA B 315 -28.79 -20.80 11.83
CA ALA B 315 -28.52 -19.50 11.26
C ALA B 315 -29.81 -18.69 11.23
N GLN B 316 -30.78 -19.07 12.07
CA GLN B 316 -32.10 -18.47 12.01
C GLN B 316 -32.11 -16.98 12.35
N ASP B 317 -31.42 -16.59 13.41
CA ASP B 317 -31.39 -15.20 13.80
C ASP B 317 -30.53 -14.36 12.84
N ILE B 318 -29.48 -14.95 12.29
CA ILE B 318 -28.67 -14.28 11.29
C ILE B 318 -29.56 -13.79 10.14
N LEU B 319 -30.42 -14.69 9.67
CA LEU B 319 -31.39 -14.39 8.60
C LEU B 319 -32.51 -13.42 8.98
N ASP B 320 -32.89 -13.36 10.25
CA ASP B 320 -33.81 -12.32 10.73
C ASP B 320 -33.19 -10.93 10.67
N THR B 321 -31.91 -10.82 11.05
CA THR B 321 -31.21 -9.55 11.04
C THR B 321 -31.04 -9.05 9.60
N LEU B 322 -30.75 -9.96 8.67
CA LEU B 322 -30.57 -9.62 7.28
C LEU B 322 -31.86 -9.04 6.68
N GLU B 323 -32.91 -9.85 6.75
CA GLU B 323 -34.29 -9.39 6.51
C GLU B 323 -34.52 -7.96 7.05
N ASP B 324 -34.22 -7.73 8.32
CA ASP B 324 -34.44 -6.42 8.93
C ASP B 324 -33.61 -5.36 8.28
N ASN B 325 -32.29 -5.60 8.16
CA ASN B 325 -31.42 -4.58 7.62
C ASN B 325 -31.77 -4.29 6.17
N ARG B 326 -32.09 -5.32 5.39
CA ARG B 326 -32.53 -5.12 4.01
C ARG B 326 -33.75 -4.19 3.96
N ASN B 327 -34.76 -4.47 4.78
CA ASN B 327 -35.97 -3.64 4.79
C ASN B 327 -35.78 -2.21 5.26
N TRP B 328 -34.79 -2.04 6.14
CA TRP B 328 -34.48 -0.74 6.73
C TRP B 328 -33.82 0.15 5.71
N TYR B 329 -32.92 -0.45 4.92
CA TYR B 329 -32.27 0.28 3.83
C TYR B 329 -33.26 0.76 2.77
N GLN B 330 -34.24 -0.07 2.44
CA GLN B 330 -35.25 0.27 1.46
C GLN B 330 -36.09 1.42 2.02
N SER B 331 -36.50 1.29 3.27
CA SER B 331 -37.28 2.33 3.92
C SER B 331 -36.51 3.63 3.97
N MET B 332 -35.20 3.55 3.78
CA MET B 332 -34.32 4.72 3.81
C MET B 332 -33.98 5.27 2.44
N ILE B 333 -34.68 4.79 1.41
CA ILE B 333 -34.53 5.35 0.06
C ILE B 333 -35.30 6.66 -0.15
N PRO B 334 -34.59 7.76 -0.51
CA PRO B 334 -35.26 9.02 -0.91
C PRO B 334 -35.76 9.00 -2.37
N CYS B 348 -24.23 7.42 -16.38
CA CYS B 348 -24.04 7.20 -14.95
C CYS B 348 -24.44 5.77 -14.64
N GLN B 349 -23.45 4.88 -14.52
CA GLN B 349 -23.72 3.50 -14.08
C GLN B 349 -23.93 3.40 -12.56
N GLY B 350 -25.11 2.93 -12.17
CA GLY B 350 -25.35 2.47 -10.80
C GLY B 350 -24.43 1.31 -10.45
N LEU B 351 -24.18 1.10 -9.16
CA LEU B 351 -23.24 0.10 -8.72
C LEU B 351 -23.71 -1.33 -9.01
N MET B 352 -25.01 -1.56 -8.91
CA MET B 352 -25.55 -2.88 -9.14
C MET B 352 -25.51 -3.14 -10.64
N GLU B 353 -25.77 -2.10 -11.41
CA GLU B 353 -25.62 -2.13 -12.89
C GLU B 353 -24.15 -2.40 -13.27
N LYS B 354 -23.21 -1.72 -12.60
CA LYS B 354 -21.79 -2.04 -12.75
C LYS B 354 -21.51 -3.50 -12.33
N PHE B 355 -22.04 -3.88 -11.16
CA PHE B 355 -21.81 -5.21 -10.63
C PHE B 355 -22.26 -6.32 -11.56
N GLN B 356 -23.54 -6.29 -11.97
CA GLN B 356 -24.11 -7.34 -12.85
C GLN B 356 -23.41 -7.33 -14.20
N PHE B 357 -23.38 -6.15 -14.84
CA PHE B 357 -22.77 -5.99 -16.15
C PHE B 357 -21.39 -6.65 -16.20
N GLU B 358 -20.52 -6.33 -15.25
CA GLU B 358 -19.17 -6.88 -15.26
C GLU B 358 -19.08 -8.27 -14.66
N LEU B 359 -20.01 -8.61 -13.76
CA LEU B 359 -20.01 -9.93 -13.15
C LEU B 359 -19.97 -10.99 -14.24
N THR B 360 -18.77 -11.50 -14.49
CA THR B 360 -18.57 -12.44 -15.60
C THR B 360 -19.15 -13.79 -15.25
C1 QPC C . 16.16 13.96 7.58
N1 QPC C . 16.82 13.33 8.56
C2 QPC C . 17.27 12.09 8.27
N2 QPC C . 17.08 11.49 7.08
C3 QPC C . 16.42 12.13 6.11
C4 QPC C . 15.92 13.41 6.33
C5 QPC C . 18.03 11.34 9.29
C6 QPC C . 18.55 11.97 10.42
C7 QPC C . 19.25 11.29 11.39
C8 QPC C . 19.49 9.94 11.27
C9 QPC C . 19.00 9.29 10.16
C10 QPC C . 18.28 9.98 9.19
N3 QPC C . 16.25 11.47 4.86
C11 QPC C . 16.45 10.08 4.69
C12 QPC C . 15.51 9.28 4.09
C13 QPC C . 15.68 7.93 3.91
C14 QPC C . 16.84 7.33 4.33
C15 QPC C . 17.81 8.11 4.91
C16 QPC C . 17.62 9.46 5.09
C17 QPC C . 17.13 5.87 4.18
C18 QPC C . 16.40 5.00 5.17
N4 QPC C . 16.33 5.53 6.44
O1 QPC C . 15.94 3.92 4.82
C19 QPC C . 15.19 14.20 5.31
O2 QPC C . 15.36 13.99 4.11
N5 QPC C . 14.35 15.16 5.79
C20 QPC C . 15.88 4.74 7.57
C21 QPC C . 16.80 4.77 8.79
C22 QPC C . 18.18 4.29 8.46
C23 QPC C . 16.90 6.15 9.38
C24 QPC C . 16.22 3.86 9.85
ZN ZN D . 13.42 9.65 -1.84
CA CA E . 14.81 6.14 -1.48
C1 QPC F . -21.92 -4.40 0.09
N1 QPC F . -22.46 -3.95 -1.06
C2 QPC F . -21.90 -4.43 -2.17
N2 QPC F . -20.88 -5.28 -2.19
C3 QPC F . -20.34 -5.72 -1.04
C4 QPC F . -20.85 -5.28 0.16
C5 QPC F . -22.45 -4.01 -3.48
C6 QPC F . -23.72 -3.46 -3.60
C7 QPC F . -24.25 -3.11 -4.82
C8 QPC F . -23.52 -3.29 -5.98
C9 QPC F . -22.25 -3.84 -5.88
C10 QPC F . -21.73 -4.19 -4.66
N3 QPC F . -19.25 -6.64 -1.07
C11 QPC F . -18.40 -6.83 -2.19
C12 QPC F . -17.07 -7.09 -2.00
C13 QPC F . -16.22 -7.29 -3.08
C14 QPC F . -16.68 -7.21 -4.37
C15 QPC F . -18.01 -6.96 -4.58
C16 QPC F . -18.84 -6.77 -3.50
C17 QPC F . -15.76 -7.41 -5.53
C18 QPC F . -15.32 -6.12 -6.21
N4 QPC F . -15.37 -4.93 -5.48
O1 QPC F . -14.90 -6.19 -7.36
C19 QPC F . -20.32 -5.72 1.48
O2 QPC F . -19.64 -6.72 1.58
N5 QPC F . -20.67 -4.94 2.55
C20 QPC F . -14.85 -3.67 -6.03
C21 QPC F . -13.95 -2.81 -5.13
C22 QPC F . -14.68 -2.41 -3.88
C23 QPC F . -12.68 -3.56 -4.77
C24 QPC F . -13.54 -1.53 -5.83
ZN ZN G . -13.10 -9.96 1.57
CA CA H . -11.51 -10.44 -2.08
#